data_5DKV
#
_entry.id   5DKV
#
_cell.length_a   56.181
_cell.length_b   65.887
_cell.length_c   79.660
_cell.angle_alpha   87.410
_cell.angle_beta   90.260
_cell.angle_gamma   82.230
#
_symmetry.space_group_name_H-M   'P 1'
#
loop_
_entity.id
_entity.type
_entity.pdbx_description
1 polymer 'ABC transporter substrate binding protein (Ribose)'
2 non-polymer alpha-D-tagatopyranose
3 water water
#
_entity_poly.entity_id   1
_entity_poly.type   'polypeptide(L)'
_entity_poly.pdbx_seq_one_letter_code
;MHHHHHHSSGVDLGTENLYFQSMENKKFRIALIPGLTTDAFYITMHKGAEAAAAAIGAQIIFQGAPDFNPVTQVPVLDAV
IAKKPDAILIAPTDTTQLVQPLKKAADAGIPMITVDTFIGTGDYQTGAGDGDFPLSYIASDNVLGGEIAARSLALAIGDK
GKVYVSNVKPGVSTTDQREQGFKSEMAKHPGITVLETQFNDNDANKAASQLQAVYARNPDLAGVFGANLFSGLGSANGVQ
QAGQSGTIKVVAFDAPGSVVDNLKSGLIDFAIAQHPAEIGYYGVISAYAHLTGQSIPTKIGTGFTVINKSNVTDPAVARF
IYAE
;
_entity_poly.pdbx_strand_id   A,B,C,D
#
loop_
_chem_comp.id
_chem_comp.type
_chem_comp.name
_chem_comp.formula
T6T D-saccharide, alpha linking alpha-D-tagatopyranose 'C6 H12 O6'
#
# COMPACT_ATOMS: atom_id res chain seq x y z
N SER A 22 16.47 0.15 19.79
CA SER A 22 16.84 -1.12 20.38
C SER A 22 18.01 -0.89 21.30
N MET A 23 19.17 -0.61 20.71
CA MET A 23 20.28 -0.12 21.51
C MET A 23 20.13 1.39 21.66
N GLU A 24 20.60 2.15 20.67
CA GLU A 24 20.58 3.61 20.78
C GLU A 24 19.33 4.24 20.13
N ASN A 25 18.43 3.37 19.64
CA ASN A 25 17.18 3.84 19.05
C ASN A 25 16.27 4.46 20.07
N LYS A 26 15.57 5.52 19.68
CA LYS A 26 14.37 5.94 20.37
C LYS A 26 13.39 4.75 20.41
N LYS A 27 12.83 4.47 21.57
CA LYS A 27 11.89 3.35 21.75
C LYS A 27 10.46 3.83 21.58
N PHE A 28 9.81 3.26 20.60
CA PHE A 28 8.48 3.68 20.18
C PHE A 28 7.38 2.76 20.64
N ARG A 29 6.18 3.31 20.74
CA ARG A 29 4.98 2.51 20.97
C ARG A 29 4.12 2.53 19.71
N ILE A 30 4.03 1.39 19.05
CA ILE A 30 3.34 1.27 17.78
C ILE A 30 2.11 0.40 17.95
N ALA A 31 0.95 0.93 17.62
CA ALA A 31 -0.31 0.19 17.80
C ALA A 31 -0.61 -0.67 16.59
N LEU A 32 -1.22 -1.82 16.83
CA LEU A 32 -1.69 -2.71 15.77
C LEU A 32 -3.13 -3.09 16.08
N ILE A 33 -4.02 -2.71 15.16
CA ILE A 33 -5.44 -2.96 15.26
C ILE A 33 -5.85 -3.92 14.12
N PRO A 34 -6.09 -5.19 14.44
CA PRO A 34 -6.42 -6.17 13.39
C PRO A 34 -7.86 -6.00 12.92
N GLY A 35 -8.23 -6.71 11.87
CA GLY A 35 -9.61 -6.74 11.45
C GLY A 35 -10.49 -7.57 12.38
N LEU A 36 -9.90 -8.58 13.00
CA LEU A 36 -10.58 -9.57 13.82
C LEU A 36 -9.52 -10.21 14.69
N THR A 37 -9.76 -10.33 16.00
CA THR A 37 -8.74 -10.90 16.90
C THR A 37 -8.52 -12.40 16.76
N THR A 38 -9.62 -13.15 16.60
CA THR A 38 -9.61 -14.61 16.55
C THR A 38 -9.58 -15.11 15.11
N ASP A 39 -8.50 -14.74 14.45
CA ASP A 39 -8.34 -14.97 13.02
C ASP A 39 -6.86 -15.22 12.84
N ALA A 40 -6.52 -16.41 12.40
CA ALA A 40 -5.13 -16.83 12.30
C ALA A 40 -4.30 -15.90 11.40
N PHE A 41 -4.95 -15.26 10.44
CA PHE A 41 -4.26 -14.30 9.58
C PHE A 41 -3.74 -13.14 10.41
N TYR A 42 -4.60 -12.56 11.22
CA TYR A 42 -4.20 -11.40 12.01
C TYR A 42 -3.29 -11.81 13.17
N ILE A 43 -3.49 -13.01 13.68
CA ILE A 43 -2.64 -13.52 14.75
C ILE A 43 -1.22 -13.66 14.25
N THR A 44 -1.07 -14.16 13.02
CA THR A 44 0.24 -14.33 12.42
C THR A 44 0.84 -12.98 12.02
N MET A 45 0.01 -12.04 11.56
CA MET A 45 0.47 -10.67 11.30
C MET A 45 1.03 -10.04 12.56
N HIS A 46 0.34 -10.24 13.66
CA HIS A 46 0.80 -9.76 14.94
C HIS A 46 2.16 -10.38 15.32
N LYS A 47 2.34 -11.67 15.05
CA LYS A 47 3.62 -12.31 15.33
C LYS A 47 4.77 -11.62 14.58
N GLY A 48 4.55 -11.36 13.31
CA GLY A 48 5.53 -10.64 12.49
C GLY A 48 5.80 -9.24 13.03
N ALA A 49 4.74 -8.57 13.44
CA ALA A 49 4.90 -7.23 14.01
C ALA A 49 5.73 -7.27 15.31
N GLU A 50 5.52 -8.28 16.16
CA GLU A 50 6.31 -8.35 17.41
C GLU A 50 7.77 -8.65 17.09
N ALA A 51 8.02 -9.42 16.05
CA ALA A 51 9.39 -9.75 15.70
C ALA A 51 10.12 -8.48 15.21
N ALA A 52 9.45 -7.68 14.38
CA ALA A 52 10.04 -6.42 13.92
C ALA A 52 10.22 -5.46 15.09
N ALA A 53 9.24 -5.43 16.00
CA ALA A 53 9.32 -4.51 17.12
C ALA A 53 10.54 -4.84 17.99
N ALA A 54 10.78 -6.13 18.22
CA ALA A 54 11.94 -6.54 19.02
C ALA A 54 13.23 -6.10 18.34
N ALA A 55 13.23 -6.11 17.01
CA ALA A 55 14.43 -5.82 16.25
C ALA A 55 14.82 -4.34 16.32
N ILE A 56 13.84 -3.44 16.40
CA ILE A 56 14.16 -2.01 16.41
C ILE A 56 13.78 -1.33 17.73
N GLY A 57 13.45 -2.13 18.73
CA GLY A 57 13.31 -1.63 20.10
C GLY A 57 11.98 -1.05 20.51
N ALA A 58 10.92 -1.40 19.76
CA ALA A 58 9.60 -0.84 19.99
C ALA A 58 8.72 -1.79 20.80
N GLN A 59 7.63 -1.25 21.33
CA GLN A 59 6.59 -2.04 21.96
C GLN A 59 5.34 -1.99 21.10
N ILE A 60 4.67 -3.12 20.97
CA ILE A 60 3.40 -3.17 20.24
C ILE A 60 2.25 -3.01 21.21
N ILE A 61 1.36 -2.08 20.86
CA ILE A 61 0.07 -1.96 21.53
C ILE A 61 -0.95 -2.65 20.63
N PHE A 62 -1.46 -3.79 21.06
CA PHE A 62 -2.34 -4.60 20.22
C PHE A 62 -3.74 -4.65 20.79
N GLN A 63 -4.72 -4.29 19.98
CA GLN A 63 -6.12 -4.35 20.45
C GLN A 63 -7.03 -4.47 19.24
N GLY A 64 -7.98 -5.37 19.33
CA GLY A 64 -8.93 -5.58 18.25
C GLY A 64 -10.31 -5.94 18.76
N ALA A 65 -11.26 -5.93 17.84
CA ALA A 65 -12.62 -6.40 18.12
C ALA A 65 -12.77 -7.88 17.73
N PRO A 66 -13.79 -8.56 18.27
CA PRO A 66 -14.00 -9.99 18.01
C PRO A 66 -14.77 -10.28 16.73
N ASP A 67 -15.21 -9.25 16.01
CA ASP A 67 -15.83 -9.41 14.70
C ASP A 67 -15.31 -8.36 13.72
N PHE A 68 -15.29 -8.73 12.44
CA PHE A 68 -14.85 -7.86 11.34
C PHE A 68 -16.00 -6.93 11.04
N ASN A 69 -15.97 -5.76 11.68
CA ASN A 69 -17.15 -4.93 11.77
C ASN A 69 -16.76 -3.52 12.17
N PRO A 70 -17.04 -2.52 11.32
CA PRO A 70 -16.63 -1.16 11.73
C PRO A 70 -17.32 -0.64 12.98
N VAL A 71 -18.51 -1.14 13.31
CA VAL A 71 -19.20 -0.65 14.48
C VAL A 71 -18.40 -0.99 15.75
N THR A 72 -17.81 -2.18 15.80
CA THR A 72 -17.01 -2.56 16.97
C THR A 72 -15.52 -2.17 16.82
N GLN A 73 -15.02 -2.05 15.59
CA GLN A 73 -13.62 -1.65 15.45
C GLN A 73 -13.38 -0.18 15.83
N VAL A 74 -14.32 0.72 15.53
CA VAL A 74 -14.05 2.12 15.79
C VAL A 74 -13.88 2.44 17.30
N PRO A 75 -14.71 1.85 18.18
CA PRO A 75 -14.43 2.08 19.61
C PRO A 75 -13.05 1.59 20.07
N VAL A 76 -12.59 0.48 19.49
CA VAL A 76 -11.25 0.02 19.78
C VAL A 76 -10.23 1.04 19.31
N LEU A 77 -10.40 1.51 18.07
CA LEU A 77 -9.51 2.54 17.54
C LEU A 77 -9.51 3.75 18.46
N ASP A 78 -10.67 4.18 18.92
CA ASP A 78 -10.70 5.33 19.82
C ASP A 78 -9.94 5.04 21.13
N ALA A 79 -10.05 3.82 21.65
CA ALA A 79 -9.35 3.47 22.89
C ALA A 79 -7.86 3.50 22.67
N VAL A 80 -7.44 3.07 21.47
CA VAL A 80 -6.03 3.11 21.12
C VAL A 80 -5.53 4.55 20.96
N ILE A 81 -6.30 5.40 20.27
CA ILE A 81 -5.93 6.81 20.13
C ILE A 81 -5.65 7.47 21.48
N ALA A 82 -6.42 7.08 22.48
CA ALA A 82 -6.34 7.73 23.78
C ALA A 82 -5.08 7.30 24.52
N LYS A 83 -4.45 6.20 24.06
CA LYS A 83 -3.18 5.75 24.62
C LYS A 83 -1.97 6.49 24.00
N LYS A 84 -2.27 7.44 23.12
CA LYS A 84 -1.24 8.26 22.45
C LYS A 84 -0.09 7.43 21.89
N PRO A 85 -0.40 6.47 21.02
CA PRO A 85 0.69 5.71 20.42
C PRO A 85 1.49 6.58 19.47
N ASP A 86 2.74 6.20 19.21
CA ASP A 86 3.58 6.96 18.29
C ASP A 86 3.15 6.77 16.82
N ALA A 87 2.60 5.61 16.53
CA ALA A 87 2.04 5.31 15.20
C ALA A 87 0.96 4.24 15.31
N ILE A 88 0.08 4.18 14.30
CA ILE A 88 -0.98 3.16 14.24
C ILE A 88 -0.87 2.35 12.96
N LEU A 89 -0.82 1.04 13.12
CA LEU A 89 -1.07 0.10 12.04
C LEU A 89 -2.50 -0.42 12.19
N ILE A 90 -3.30 -0.37 11.14
CA ILE A 90 -4.67 -0.85 11.25
C ILE A 90 -5.13 -1.54 9.97
N ALA A 91 -5.92 -2.59 10.14
CA ALA A 91 -6.62 -3.20 9.05
C ALA A 91 -8.09 -2.73 9.09
N PRO A 92 -8.41 -1.63 8.38
CA PRO A 92 -9.76 -1.07 8.47
C PRO A 92 -10.80 -2.04 7.97
N THR A 93 -11.92 -2.15 8.68
CA THR A 93 -12.96 -3.08 8.31
C THR A 93 -13.99 -2.49 7.35
N ASP A 94 -13.78 -1.26 6.91
CA ASP A 94 -14.67 -0.65 5.92
C ASP A 94 -13.89 0.44 5.22
N THR A 95 -13.99 0.52 3.90
CA THR A 95 -13.19 1.48 3.15
C THR A 95 -13.65 2.93 3.33
N THR A 96 -14.91 3.12 3.72
CA THR A 96 -15.48 4.47 3.90
C THR A 96 -15.71 4.80 5.37
N GLN A 97 -16.19 3.85 6.14
CA GLN A 97 -16.63 4.16 7.49
C GLN A 97 -15.44 4.35 8.45
N LEU A 98 -14.25 3.90 8.05
CA LEU A 98 -13.04 4.10 8.88
C LEU A 98 -12.32 5.40 8.52
N VAL A 99 -12.76 6.09 7.48
CA VAL A 99 -12.07 7.30 7.04
C VAL A 99 -12.10 8.39 8.10
N GLN A 100 -13.29 8.82 8.52
CA GLN A 100 -13.35 9.94 9.47
C GLN A 100 -12.76 9.57 10.86
N PRO A 101 -13.03 8.35 11.36
CA PRO A 101 -12.40 7.96 12.62
C PRO A 101 -10.89 7.98 12.57
N LEU A 102 -10.28 7.53 11.47
CA LEU A 102 -8.82 7.58 11.34
C LEU A 102 -8.33 9.01 11.10
N LYS A 103 -9.16 9.83 10.44
CA LYS A 103 -8.83 11.22 10.20
C LYS A 103 -8.63 11.97 11.53
N LYS A 104 -9.40 11.60 12.54
CA LYS A 104 -9.22 12.17 13.87
C LYS A 104 -7.82 11.91 14.44
N ALA A 105 -7.31 10.70 14.18
CA ALA A 105 -5.96 10.33 14.63
C ALA A 105 -4.94 11.13 13.84
N ALA A 106 -5.20 11.26 12.53
CA ALA A 106 -4.32 12.03 11.64
C ALA A 106 -4.23 13.48 12.10
N ASP A 107 -5.38 14.07 12.44
CA ASP A 107 -5.43 15.47 12.84
C ASP A 107 -4.78 15.70 14.22
N ALA A 108 -4.72 14.63 15.02
CA ALA A 108 -4.06 14.62 16.32
C ALA A 108 -2.55 14.33 16.20
N GLY A 109 -2.04 14.31 14.97
CA GLY A 109 -0.62 14.12 14.72
C GLY A 109 -0.13 12.68 14.69
N ILE A 110 -1.03 11.71 14.71
CA ILE A 110 -0.61 10.30 14.77
C ILE A 110 -0.46 9.67 13.38
N PRO A 111 0.77 9.29 13.00
CA PRO A 111 0.93 8.70 11.66
C PRO A 111 0.37 7.30 11.60
N MET A 112 -0.05 6.87 10.42
CA MET A 112 -0.66 5.56 10.28
C MET A 112 -0.38 4.90 8.95
N ILE A 113 -0.47 3.58 9.01
CA ILE A 113 -0.29 2.69 7.87
C ILE A 113 -1.46 1.72 7.88
N THR A 114 -2.07 1.42 6.73
CA THR A 114 -3.08 0.37 6.73
C THR A 114 -2.43 -0.92 6.20
N VAL A 115 -2.76 -1.99 6.90
CA VAL A 115 -2.25 -3.32 6.62
C VAL A 115 -3.44 -4.18 6.22
N ASP A 116 -3.23 -5.02 5.21
CA ASP A 116 -4.23 -5.96 4.66
C ASP A 116 -5.30 -5.26 3.82
N THR A 117 -6.09 -4.42 4.49
CA THR A 117 -7.18 -3.67 3.88
C THR A 117 -6.84 -2.18 3.80
N PHE A 118 -7.65 -1.42 3.06
CA PHE A 118 -7.40 0.00 2.88
C PHE A 118 -8.63 0.85 3.13
N ILE A 119 -8.40 2.14 3.32
CA ILE A 119 -9.46 3.16 3.23
C ILE A 119 -9.28 3.97 1.94
N GLY A 120 -10.34 4.67 1.55
CA GLY A 120 -10.34 5.35 0.26
C GLY A 120 -10.19 4.35 -0.85
N THR A 121 -9.18 4.58 -1.69
CA THR A 121 -8.80 3.69 -2.78
C THR A 121 -7.58 2.84 -2.44
N GLY A 122 -6.94 3.16 -1.33
CA GLY A 122 -5.69 2.53 -0.98
C GLY A 122 -4.49 3.19 -1.65
N ASP A 123 -4.75 4.26 -2.39
CA ASP A 123 -3.68 5.12 -2.94
C ASP A 123 -3.48 6.27 -1.99
N TYR A 124 -2.32 6.29 -1.34
CA TYR A 124 -2.07 7.26 -0.28
C TYR A 124 -0.98 8.27 -0.64
N GLN A 125 -0.98 9.39 0.09
CA GLN A 125 0.02 10.45 -0.09
C GLN A 125 0.06 10.94 -1.53
N THR A 126 -1.09 10.93 -2.20
CA THR A 126 -1.18 11.44 -3.56
C THR A 126 -1.43 12.94 -3.60
N GLY A 127 -1.91 13.49 -2.49
CA GLY A 127 -2.21 14.90 -2.40
C GLY A 127 -3.69 15.23 -2.59
N ALA A 128 -4.50 14.21 -2.87
CA ALA A 128 -5.94 14.40 -3.08
C ALA A 128 -6.76 13.18 -2.67
N GLY A 129 -8.06 13.38 -2.42
CA GLY A 129 -8.94 12.33 -1.97
C GLY A 129 -9.14 12.38 -0.47
N ASP A 130 -10.21 11.74 0.02
CA ASP A 130 -10.61 11.88 1.42
C ASP A 130 -9.89 10.92 2.38
N GLY A 131 -9.38 9.82 1.85
CA GLY A 131 -8.65 8.82 2.62
C GLY A 131 -7.21 8.71 2.17
N ASP A 132 -6.58 9.86 2.01
CA ASP A 132 -5.24 10.00 1.43
C ASP A 132 -4.14 10.08 2.50
N PHE A 133 -4.54 10.21 3.76
CA PHE A 133 -3.57 10.55 4.80
C PHE A 133 -2.73 9.42 5.40
N PRO A 134 -3.12 8.12 5.27
CA PRO A 134 -2.18 7.09 5.72
C PRO A 134 -0.88 7.19 4.93
N LEU A 135 0.22 6.63 5.44
CA LEU A 135 1.50 6.75 4.79
C LEU A 135 1.76 5.65 3.79
N SER A 136 1.13 4.50 4.01
CA SER A 136 1.38 3.31 3.21
C SER A 136 0.28 2.30 3.34
N TYR A 137 0.16 1.46 2.32
CA TYR A 137 -0.76 0.34 2.28
C TYR A 137 0.08 -0.93 2.04
N ILE A 138 0.08 -1.82 3.01
CA ILE A 138 0.93 -3.01 2.97
C ILE A 138 0.00 -4.22 3.02
N ALA A 139 0.03 -5.03 1.96
CA ALA A 139 -0.93 -6.12 1.81
C ALA A 139 -0.55 -7.06 0.70
N SER A 140 -1.28 -8.17 0.55
CA SER A 140 -1.11 -9.00 -0.65
C SER A 140 -1.60 -8.28 -1.90
N ASP A 141 -1.18 -8.75 -3.06
CA ASP A 141 -1.77 -8.32 -4.30
C ASP A 141 -3.07 -9.12 -4.44
N ASN A 142 -4.18 -8.61 -3.94
CA ASN A 142 -5.36 -9.45 -3.80
C ASN A 142 -6.09 -9.77 -5.08
N VAL A 143 -5.98 -8.90 -6.09
CA VAL A 143 -6.51 -9.27 -7.39
C VAL A 143 -5.76 -10.46 -7.96
N LEU A 144 -4.41 -10.42 -7.89
CA LEU A 144 -3.58 -11.54 -8.30
C LEU A 144 -3.96 -12.78 -7.55
N GLY A 145 -4.20 -12.65 -6.24
CA GLY A 145 -4.60 -13.79 -5.42
C GLY A 145 -5.80 -14.51 -6.00
N GLY A 146 -6.77 -13.71 -6.44
CA GLY A 146 -7.96 -14.24 -7.08
C GLY A 146 -7.68 -14.94 -8.41
N GLU A 147 -6.79 -14.34 -9.20
CA GLU A 147 -6.46 -14.91 -10.49
C GLU A 147 -5.75 -16.24 -10.31
N ILE A 148 -4.86 -16.30 -9.32
CA ILE A 148 -4.17 -17.54 -8.96
C ILE A 148 -5.15 -18.62 -8.48
N ALA A 149 -6.08 -18.25 -7.61
CA ALA A 149 -7.11 -19.17 -7.18
C ALA A 149 -7.90 -19.73 -8.36
N ALA A 150 -8.21 -18.87 -9.34
CA ALA A 150 -8.99 -19.33 -10.50
C ALA A 150 -8.20 -20.33 -11.35
N ARG A 151 -6.93 -20.02 -11.60
CA ARG A 151 -6.10 -20.91 -12.38
C ARG A 151 -5.91 -22.25 -11.68
N SER A 152 -5.77 -22.21 -10.35
CA SER A 152 -5.64 -23.42 -9.55
C SER A 152 -6.91 -24.27 -9.61
N LEU A 153 -8.06 -23.63 -9.42
CA LEU A 153 -9.33 -24.33 -9.48
C LEU A 153 -9.61 -24.85 -10.87
N ALA A 154 -9.26 -24.07 -11.90
CA ALA A 154 -9.49 -24.54 -13.26
C ALA A 154 -8.69 -25.80 -13.50
N LEU A 155 -7.48 -25.84 -12.96
CA LEU A 155 -6.63 -27.04 -13.09
C LEU A 155 -7.28 -28.23 -12.40
N ALA A 156 -7.78 -27.98 -11.20
CA ALA A 156 -8.33 -29.04 -10.36
C ALA A 156 -9.56 -29.68 -11.01
N ILE A 157 -10.36 -28.89 -11.73
CA ILE A 157 -11.61 -29.39 -12.33
C ILE A 157 -11.44 -29.75 -13.81
N GLY A 158 -10.21 -29.74 -14.30
CA GLY A 158 -9.94 -30.15 -15.68
C GLY A 158 -10.48 -29.14 -16.68
N ASP A 159 -10.54 -27.89 -16.25
CA ASP A 159 -10.84 -26.76 -17.12
C ASP A 159 -12.26 -26.77 -17.69
N LYS A 160 -13.18 -27.40 -16.98
CA LYS A 160 -14.61 -27.32 -17.32
C LYS A 160 -15.47 -27.57 -16.10
N GLY A 161 -16.68 -27.02 -16.14
CA GLY A 161 -17.69 -27.33 -15.15
C GLY A 161 -18.11 -26.13 -14.33
N LYS A 162 -19.07 -26.37 -13.43
CA LYS A 162 -19.67 -25.32 -12.62
C LYS A 162 -18.88 -25.04 -11.34
N VAL A 163 -18.63 -23.78 -11.07
CA VAL A 163 -17.94 -23.36 -9.83
C VAL A 163 -18.64 -22.15 -9.26
N TYR A 164 -18.28 -21.77 -8.03
CA TYR A 164 -18.72 -20.50 -7.49
C TYR A 164 -17.72 -20.03 -6.45
N VAL A 165 -17.78 -18.74 -6.14
CA VAL A 165 -16.99 -18.12 -5.11
C VAL A 165 -17.80 -18.05 -3.79
N SER A 166 -17.21 -18.57 -2.74
CA SER A 166 -17.71 -18.42 -1.40
C SER A 166 -16.97 -17.23 -0.83
N ASN A 167 -17.70 -16.17 -0.49
CA ASN A 167 -17.09 -14.92 -0.06
C ASN A 167 -17.74 -14.35 1.17
N VAL A 168 -17.17 -13.26 1.68
CA VAL A 168 -17.56 -12.72 2.96
C VAL A 168 -18.79 -11.82 2.84
N LYS A 169 -18.59 -10.65 2.25
CA LYS A 169 -19.62 -9.62 2.17
C LYS A 169 -19.18 -8.61 1.13
N PRO A 170 -20.10 -8.12 0.27
CA PRO A 170 -19.68 -7.05 -0.65
C PRO A 170 -19.03 -5.88 0.08
N GLY A 171 -18.00 -5.30 -0.52
CA GLY A 171 -17.39 -4.11 0.03
C GLY A 171 -16.13 -4.30 0.85
N VAL A 172 -15.80 -5.54 1.22
CA VAL A 172 -14.57 -5.80 1.92
C VAL A 172 -13.45 -5.70 0.88
N SER A 173 -12.48 -4.81 1.08
CA SER A 173 -11.62 -4.44 -0.04
C SER A 173 -10.81 -5.63 -0.59
N THR A 174 -10.30 -6.44 0.31
CA THR A 174 -9.45 -7.56 -0.05
C THR A 174 -10.22 -8.65 -0.80
N THR A 175 -11.32 -9.09 -0.20
CA THR A 175 -12.10 -10.17 -0.79
C THR A 175 -12.90 -9.72 -2.01
N ASP A 176 -13.23 -8.43 -2.10
CA ASP A 176 -13.77 -7.86 -3.35
C ASP A 176 -12.75 -8.03 -4.47
N GLN A 177 -11.48 -7.73 -4.17
CA GLN A 177 -10.43 -7.81 -5.17
C GLN A 177 -10.19 -9.27 -5.58
N ARG A 178 -10.24 -10.19 -4.61
CA ARG A 178 -10.03 -11.59 -4.92
C ARG A 178 -11.15 -12.11 -5.81
N GLU A 179 -12.37 -11.72 -5.52
CA GLU A 179 -13.49 -12.15 -6.36
C GLU A 179 -13.36 -11.58 -7.78
N GLN A 180 -12.99 -10.31 -7.90
CA GLN A 180 -12.80 -9.70 -9.22
C GLN A 180 -11.71 -10.42 -10.02
N GLY A 181 -10.61 -10.76 -9.36
CA GLY A 181 -9.51 -11.40 -10.06
C GLY A 181 -9.90 -12.79 -10.48
N PHE A 182 -10.63 -13.48 -9.60
CA PHE A 182 -11.11 -14.82 -9.90
C PHE A 182 -12.01 -14.78 -11.13
N LYS A 183 -12.98 -13.86 -11.13
CA LYS A 183 -13.96 -13.82 -12.21
C LYS A 183 -13.35 -13.36 -13.54
N SER A 184 -12.43 -12.42 -13.48
CA SER A 184 -11.78 -11.97 -14.70
C SER A 184 -10.92 -13.09 -15.31
N GLU A 185 -10.24 -13.86 -14.47
CA GLU A 185 -9.48 -15.00 -14.97
C GLU A 185 -10.42 -16.06 -15.52
N MET A 186 -11.48 -16.40 -14.79
CA MET A 186 -12.37 -17.46 -15.26
C MET A 186 -13.05 -17.07 -16.57
N ALA A 187 -13.21 -15.78 -16.82
CA ALA A 187 -13.83 -15.35 -18.10
C ALA A 187 -13.01 -15.83 -19.31
N LYS A 188 -11.77 -16.22 -19.08
CA LYS A 188 -10.90 -16.69 -20.14
C LYS A 188 -11.05 -18.20 -20.35
N HIS A 189 -11.89 -18.83 -19.54
CA HIS A 189 -12.06 -20.28 -19.59
C HIS A 189 -13.49 -20.63 -20.02
N PRO A 190 -13.72 -20.87 -21.32
CA PRO A 190 -15.10 -20.94 -21.80
C PRO A 190 -15.89 -22.17 -21.33
N GLY A 191 -15.20 -23.22 -20.91
CA GLY A 191 -15.88 -24.43 -20.46
C GLY A 191 -16.33 -24.34 -19.01
N ILE A 192 -15.92 -23.27 -18.32
CA ILE A 192 -16.25 -23.10 -16.90
C ILE A 192 -17.40 -22.13 -16.73
N THR A 193 -18.35 -22.52 -15.90
CA THR A 193 -19.49 -21.70 -15.56
C THR A 193 -19.32 -21.19 -14.13
N VAL A 194 -19.37 -19.87 -13.96
CA VAL A 194 -19.28 -19.30 -12.63
C VAL A 194 -20.68 -18.98 -12.14
N LEU A 195 -21.13 -19.73 -11.14
CA LEU A 195 -22.43 -19.53 -10.54
C LEU A 195 -22.38 -18.32 -9.59
N GLU A 196 -23.54 -17.94 -9.05
CA GLU A 196 -23.62 -16.77 -8.19
C GLU A 196 -22.78 -16.93 -6.92
N THR A 197 -22.04 -15.87 -6.61
CA THR A 197 -21.29 -15.79 -5.37
C THR A 197 -22.21 -15.95 -4.16
N GLN A 198 -21.76 -16.73 -3.20
CA GLN A 198 -22.45 -16.92 -1.92
C GLN A 198 -21.73 -16.16 -0.82
N PHE A 199 -22.43 -15.26 -0.14
CA PHE A 199 -21.82 -14.43 0.88
C PHE A 199 -22.18 -14.95 2.25
N ASN A 200 -21.17 -15.20 3.08
CA ASN A 200 -21.39 -15.85 4.37
C ASN A 200 -21.20 -14.95 5.60
N ASP A 201 -20.90 -13.68 5.36
CA ASP A 201 -20.68 -12.72 6.45
C ASP A 201 -19.56 -13.14 7.42
N ASN A 202 -18.57 -13.83 6.88
CA ASN A 202 -17.39 -14.34 7.59
C ASN A 202 -17.66 -15.52 8.52
N ASP A 203 -18.76 -16.22 8.28
CA ASP A 203 -19.17 -17.33 9.15
C ASP A 203 -19.00 -18.65 8.40
N ALA A 204 -18.09 -19.48 8.89
CA ALA A 204 -17.80 -20.74 8.22
C ALA A 204 -19.03 -21.65 8.14
N ASN A 205 -19.81 -21.70 9.22
CA ASN A 205 -21.00 -22.55 9.23
C ASN A 205 -22.00 -22.10 8.17
N LYS A 206 -22.11 -20.80 7.96
CA LYS A 206 -22.98 -20.31 6.89
C LYS A 206 -22.43 -20.74 5.53
N ALA A 207 -21.12 -20.61 5.34
CA ALA A 207 -20.50 -21.02 4.10
C ALA A 207 -20.77 -22.51 3.82
N ALA A 208 -20.70 -23.34 4.85
CA ALA A 208 -20.94 -24.77 4.69
C ALA A 208 -22.39 -25.00 4.25
N SER A 209 -23.33 -24.28 4.87
CA SER A 209 -24.74 -24.46 4.54
C SER A 209 -25.01 -23.99 3.10
N GLN A 210 -24.29 -22.97 2.67
CA GLN A 210 -24.45 -22.47 1.30
C GLN A 210 -23.91 -23.47 0.26
N LEU A 211 -22.80 -24.14 0.59
CA LEU A 211 -22.28 -25.21 -0.25
C LEU A 211 -23.37 -26.26 -0.42
N GLN A 212 -24.00 -26.64 0.69
CA GLN A 212 -25.05 -27.65 0.65
C GLN A 212 -26.20 -27.22 -0.27
N ALA A 213 -26.60 -25.95 -0.20
CA ALA A 213 -27.66 -25.46 -1.07
C ALA A 213 -27.26 -25.49 -2.55
N VAL A 214 -26.06 -25.02 -2.85
CA VAL A 214 -25.61 -24.97 -4.23
C VAL A 214 -25.50 -26.39 -4.78
N TYR A 215 -24.93 -27.29 -4.00
CA TYR A 215 -24.79 -28.67 -4.43
C TYR A 215 -26.15 -29.34 -4.63
N ALA A 216 -27.13 -29.02 -3.78
CA ALA A 216 -28.44 -29.64 -3.93
C ALA A 216 -29.12 -29.16 -5.20
N ARG A 217 -28.93 -27.89 -5.56
CA ARG A 217 -29.50 -27.38 -6.81
C ARG A 217 -28.66 -27.78 -8.02
N ASN A 218 -27.40 -28.13 -7.77
CA ASN A 218 -26.43 -28.48 -8.81
C ASN A 218 -25.60 -29.71 -8.49
N PRO A 219 -26.17 -30.91 -8.65
CA PRO A 219 -25.46 -32.16 -8.35
C PRO A 219 -24.19 -32.33 -9.17
N ASP A 220 -24.07 -31.56 -10.25
CA ASP A 220 -22.88 -31.62 -11.10
C ASP A 220 -21.82 -30.56 -10.73
N LEU A 221 -22.00 -29.88 -9.60
CA LEU A 221 -21.06 -28.85 -9.13
C LEU A 221 -19.65 -29.42 -9.14
N ALA A 222 -18.73 -28.70 -9.78
CA ALA A 222 -17.36 -29.15 -9.93
C ALA A 222 -16.39 -28.60 -8.88
N GLY A 223 -16.58 -27.36 -8.43
CA GLY A 223 -15.65 -26.79 -7.46
C GLY A 223 -16.11 -25.49 -6.84
N VAL A 224 -15.34 -25.05 -5.85
CA VAL A 224 -15.64 -23.84 -5.10
C VAL A 224 -14.34 -23.18 -4.68
N PHE A 225 -14.34 -21.85 -4.70
CA PHE A 225 -13.22 -21.04 -4.24
C PHE A 225 -13.67 -20.27 -3.04
N GLY A 226 -13.07 -20.55 -1.87
CA GLY A 226 -13.35 -19.77 -0.68
C GLY A 226 -12.37 -18.62 -0.57
N ALA A 227 -12.90 -17.41 -0.60
CA ALA A 227 -12.06 -16.27 -0.87
C ALA A 227 -11.36 -15.72 0.38
N ASN A 228 -11.60 -16.30 1.56
CA ASN A 228 -10.80 -16.02 2.75
C ASN A 228 -10.86 -17.24 3.66
N LEU A 229 -10.10 -17.16 4.75
CA LEU A 229 -9.98 -18.29 5.67
C LEU A 229 -11.30 -18.96 5.99
N PHE A 230 -12.25 -18.17 6.46
CA PHE A 230 -13.52 -18.71 6.95
C PHE A 230 -14.37 -19.26 5.81
N SER A 231 -14.31 -18.61 4.65
CA SER A 231 -15.07 -19.04 3.49
C SER A 231 -14.56 -20.40 3.01
N GLY A 232 -13.24 -20.50 2.91
CA GLY A 232 -12.63 -21.74 2.49
C GLY A 232 -12.84 -22.90 3.47
N LEU A 233 -12.70 -22.61 4.76
CA LEU A 233 -12.91 -23.61 5.80
C LEU A 233 -14.35 -24.12 5.78
N GLY A 234 -15.30 -23.19 5.79
CA GLY A 234 -16.71 -23.55 5.77
C GLY A 234 -17.09 -24.31 4.52
N SER A 235 -16.59 -23.87 3.37
CA SER A 235 -16.91 -24.51 2.12
C SER A 235 -16.38 -25.94 2.11
N ALA A 236 -15.13 -26.11 2.58
CA ALA A 236 -14.54 -27.44 2.68
C ALA A 236 -15.34 -28.30 3.65
N ASN A 237 -15.72 -27.74 4.80
CA ASN A 237 -16.54 -28.49 5.76
C ASN A 237 -17.88 -28.92 5.17
N GLY A 238 -18.48 -28.05 4.36
CA GLY A 238 -19.73 -28.39 3.69
C GLY A 238 -19.56 -29.55 2.70
N VAL A 239 -18.49 -29.49 1.90
CA VAL A 239 -18.21 -30.56 0.96
C VAL A 239 -18.01 -31.90 1.69
N GLN A 240 -17.26 -31.88 2.78
CA GLN A 240 -17.04 -33.09 3.57
C GLN A 240 -18.38 -33.64 4.11
N GLN A 241 -19.23 -32.75 4.63
CA GLN A 241 -20.48 -33.17 5.27
C GLN A 241 -21.45 -33.72 4.24
N ALA A 242 -21.33 -33.22 3.01
CA ALA A 242 -22.14 -33.69 1.90
C ALA A 242 -21.67 -35.03 1.33
N GLY A 243 -20.54 -35.52 1.83
CA GLY A 243 -19.95 -36.73 1.29
C GLY A 243 -19.20 -36.60 -0.02
N GLN A 244 -18.81 -35.38 -0.39
CA GLN A 244 -18.24 -35.14 -1.70
C GLN A 244 -16.75 -34.79 -1.69
N SER A 245 -16.05 -35.16 -0.63
CA SER A 245 -14.63 -34.86 -0.54
C SER A 245 -13.91 -35.46 -1.73
N GLY A 246 -13.11 -34.63 -2.41
CA GLY A 246 -12.36 -35.04 -3.58
C GLY A 246 -13.13 -34.98 -4.90
N THR A 247 -14.45 -34.92 -4.81
CA THR A 247 -15.30 -34.81 -5.99
C THR A 247 -15.60 -33.35 -6.32
N ILE A 248 -16.06 -32.60 -5.33
CA ILE A 248 -16.18 -31.16 -5.46
C ILE A 248 -14.83 -30.59 -5.05
N LYS A 249 -14.14 -29.95 -5.99
CA LYS A 249 -12.76 -29.50 -5.74
C LYS A 249 -12.85 -28.21 -4.96
N VAL A 250 -11.91 -28.02 -4.04
CA VAL A 250 -11.87 -26.81 -3.23
C VAL A 250 -10.53 -26.13 -3.33
N VAL A 251 -10.58 -24.82 -3.61
CA VAL A 251 -9.42 -23.96 -3.49
C VAL A 251 -9.76 -22.98 -2.39
N ALA A 252 -8.90 -22.95 -1.38
CA ALA A 252 -9.14 -22.16 -0.20
C ALA A 252 -8.08 -21.11 -0.04
N PHE A 253 -8.50 -19.87 0.13
CA PHE A 253 -7.59 -18.80 0.47
C PHE A 253 -7.23 -18.89 1.93
N ASP A 254 -5.99 -18.47 2.25
CA ASP A 254 -5.40 -18.51 3.58
C ASP A 254 -5.02 -19.93 3.97
N ALA A 255 -4.27 -20.06 5.06
CA ALA A 255 -3.65 -21.34 5.43
C ALA A 255 -3.68 -21.59 6.93
N PRO A 256 -4.88 -21.78 7.49
CA PRO A 256 -4.92 -22.19 8.89
C PRO A 256 -4.35 -23.61 9.04
N GLY A 257 -4.07 -24.00 10.28
CA GLY A 257 -3.49 -25.29 10.55
C GLY A 257 -4.22 -26.46 9.95
N SER A 258 -5.55 -26.33 9.84
CA SER A 258 -6.39 -27.38 9.28
C SER A 258 -6.03 -27.75 7.83
N VAL A 259 -5.27 -26.92 7.12
CA VAL A 259 -5.00 -27.25 5.72
C VAL A 259 -4.12 -28.48 5.60
N VAL A 260 -3.33 -28.79 6.62
CA VAL A 260 -2.51 -29.99 6.57
C VAL A 260 -3.38 -31.25 6.43
N ASP A 261 -4.30 -31.48 7.35
CA ASP A 261 -5.20 -32.63 7.24
C ASP A 261 -6.08 -32.52 6.01
N ASN A 262 -6.55 -31.31 5.66
CA ASN A 262 -7.52 -31.22 4.56
C ASN A 262 -6.85 -31.40 3.19
N LEU A 263 -5.59 -30.98 3.04
CA LEU A 263 -4.86 -31.34 1.84
C LEU A 263 -4.57 -32.84 1.78
N LYS A 264 -4.15 -33.42 2.89
N LYS A 264 -4.16 -33.43 2.89
CA LYS A 264 -3.79 -34.83 2.94
CA LYS A 264 -3.77 -34.84 2.86
C LYS A 264 -4.95 -35.73 2.54
C LYS A 264 -4.93 -35.79 2.62
N SER A 265 -6.14 -35.39 3.00
CA SER A 265 -7.32 -36.22 2.80
C SER A 265 -7.98 -35.99 1.45
N GLY A 266 -7.55 -34.96 0.74
CA GLY A 266 -8.10 -34.68 -0.58
C GLY A 266 -9.28 -33.71 -0.53
N LEU A 267 -9.62 -33.25 0.65
CA LEU A 267 -10.78 -32.38 0.81
C LEU A 267 -10.56 -31.03 0.15
N ILE A 268 -9.34 -30.51 0.20
CA ILE A 268 -8.99 -29.29 -0.52
C ILE A 268 -7.80 -29.62 -1.39
N ASP A 269 -7.73 -28.99 -2.58
CA ASP A 269 -6.66 -29.22 -3.52
C ASP A 269 -5.52 -28.21 -3.38
N PHE A 270 -5.85 -26.95 -3.08
CA PHE A 270 -4.85 -25.90 -2.90
C PHE A 270 -5.27 -24.96 -1.79
N ALA A 271 -4.29 -24.53 -1.01
CA ALA A 271 -4.47 -23.43 -0.10
C ALA A 271 -3.56 -22.30 -0.55
N ILE A 272 -4.13 -21.13 -0.72
CA ILE A 272 -3.36 -19.95 -1.12
C ILE A 272 -2.98 -19.14 0.14
N ALA A 273 -1.78 -19.40 0.67
CA ALA A 273 -1.26 -18.71 1.86
C ALA A 273 -0.86 -17.29 1.52
N GLN A 274 -1.39 -16.31 2.24
CA GLN A 274 -0.78 -15.01 2.25
C GLN A 274 0.46 -15.10 3.12
N HIS A 275 1.11 -13.95 3.28
CA HIS A 275 2.29 -13.80 4.15
C HIS A 275 2.01 -12.78 5.24
N PRO A 276 1.08 -13.09 6.15
CA PRO A 276 0.73 -12.08 7.17
C PRO A 276 1.89 -11.62 8.03
N ALA A 277 2.83 -12.50 8.37
CA ALA A 277 3.92 -12.06 9.24
C ALA A 277 4.74 -11.00 8.51
N GLU A 278 4.93 -11.20 7.22
CA GLU A 278 5.63 -10.22 6.36
C GLU A 278 4.92 -8.85 6.40
N ILE A 279 3.59 -8.87 6.32
CA ILE A 279 2.80 -7.65 6.40
C ILE A 279 3.00 -6.95 7.71
N GLY A 280 2.91 -7.68 8.82
CA GLY A 280 3.13 -7.13 10.11
C GLY A 280 4.53 -6.56 10.29
N TYR A 281 5.51 -7.33 9.85
CA TYR A 281 6.92 -7.01 10.00
C TYR A 281 7.23 -5.70 9.27
N TYR A 282 6.83 -5.63 7.99
CA TYR A 282 7.11 -4.43 7.21
C TYR A 282 6.27 -3.26 7.68
N GLY A 283 5.09 -3.53 8.22
CA GLY A 283 4.35 -2.45 8.85
C GLY A 283 5.09 -1.80 10.00
N VAL A 284 5.62 -2.58 10.93
CA VAL A 284 6.35 -2.03 12.06
C VAL A 284 7.64 -1.35 11.62
N ILE A 285 8.42 -2.00 10.76
CA ILE A 285 9.65 -1.35 10.30
C ILE A 285 9.37 -0.03 9.57
N SER A 286 8.34 0.00 8.73
CA SER A 286 7.98 1.22 8.03
C SER A 286 7.54 2.32 9.00
N ALA A 287 6.80 1.94 10.03
CA ALA A 287 6.43 2.95 11.04
C ALA A 287 7.67 3.50 11.72
N TYR A 288 8.61 2.60 12.04
CA TYR A 288 9.84 3.03 12.71
C TYR A 288 10.64 4.00 11.83
N ALA A 289 10.75 3.63 10.56
CA ALA A 289 11.47 4.42 9.57
C ALA A 289 10.83 5.81 9.49
N HIS A 290 9.53 5.84 9.36
CA HIS A 290 8.85 7.13 9.35
C HIS A 290 9.14 7.98 10.60
N LEU A 291 9.03 7.36 11.75
CA LEU A 291 9.21 8.05 13.02
C LEU A 291 10.63 8.57 13.22
N THR A 292 11.58 8.04 12.46
CA THR A 292 12.97 8.52 12.55
C THR A 292 13.34 9.33 11.32
N GLY A 293 12.32 9.77 10.57
CA GLY A 293 12.53 10.77 9.52
C GLY A 293 12.86 10.22 8.14
N GLN A 294 12.69 8.92 7.96
CA GLN A 294 12.93 8.27 6.67
C GLN A 294 11.62 8.13 5.88
N SER A 295 11.68 8.49 4.61
CA SER A 295 10.56 8.30 3.72
C SER A 295 10.32 6.82 3.51
N ILE A 296 9.04 6.45 3.30
CA ILE A 296 8.68 5.05 3.11
C ILE A 296 7.78 4.90 1.87
N PRO A 297 7.79 3.71 1.26
CA PRO A 297 6.93 3.47 0.08
C PRO A 297 5.45 3.60 0.42
N THR A 298 4.62 4.10 -0.49
CA THR A 298 3.19 4.21 -0.22
C THR A 298 2.50 2.89 -0.42
N LYS A 299 3.20 1.94 -1.03
CA LYS A 299 2.71 0.56 -1.17
C LYS A 299 3.80 -0.49 -1.02
N ILE A 300 3.50 -1.54 -0.27
CA ILE A 300 4.34 -2.74 -0.27
C ILE A 300 3.42 -3.92 -0.46
N GLY A 301 3.69 -4.68 -1.51
CA GLY A 301 2.92 -5.85 -1.87
C GLY A 301 3.62 -7.11 -1.43
N THR A 302 2.95 -7.94 -0.64
CA THR A 302 3.55 -9.15 -0.11
C THR A 302 3.01 -10.32 -0.91
N GLY A 303 3.71 -11.44 -0.89
CA GLY A 303 3.44 -12.53 -1.83
C GLY A 303 2.55 -13.64 -1.35
N PHE A 304 2.44 -14.68 -2.18
CA PHE A 304 1.66 -15.87 -1.85
C PHE A 304 2.56 -17.09 -1.86
N THR A 305 2.15 -18.08 -1.08
CA THR A 305 2.71 -19.42 -1.13
C THR A 305 1.56 -20.36 -1.42
N VAL A 306 1.63 -21.04 -2.56
CA VAL A 306 0.58 -22.02 -2.95
C VAL A 306 0.96 -23.38 -2.36
N ILE A 307 0.08 -23.89 -1.48
CA ILE A 307 0.31 -25.11 -0.74
C ILE A 307 -0.58 -26.20 -1.32
N ASN A 308 0.02 -27.35 -1.61
CA ASN A 308 -0.72 -28.50 -2.12
C ASN A 308 -0.39 -29.74 -1.29
N LYS A 309 -0.96 -30.88 -1.66
CA LYS A 309 -0.79 -32.14 -0.95
C LYS A 309 0.67 -32.56 -0.82
N SER A 310 1.47 -32.22 -1.83
CA SER A 310 2.85 -32.68 -1.89
C SER A 310 3.78 -31.77 -1.15
N ASN A 311 3.64 -30.47 -1.37
CA ASN A 311 4.67 -29.54 -0.87
C ASN A 311 4.40 -29.05 0.53
N VAL A 312 3.28 -29.47 1.12
CA VAL A 312 2.93 -28.99 2.46
C VAL A 312 3.94 -29.54 3.47
N THR A 313 4.74 -30.53 3.05
CA THR A 313 5.84 -31.04 3.89
C THR A 313 7.22 -30.51 3.45
N ASP A 314 7.25 -29.62 2.46
CA ASP A 314 8.47 -28.91 2.17
C ASP A 314 8.68 -27.89 3.30
N PRO A 315 9.88 -27.86 3.90
CA PRO A 315 10.02 -26.94 5.04
C PRO A 315 9.83 -25.47 4.72
N ALA A 316 10.37 -25.04 3.59
CA ALA A 316 10.20 -23.67 3.14
C ALA A 316 8.73 -23.34 2.97
N VAL A 317 7.87 -24.35 2.81
CA VAL A 317 6.44 -24.12 2.58
C VAL A 317 5.63 -24.17 3.87
N ALA A 318 5.86 -25.20 4.69
CA ALA A 318 5.08 -25.40 5.91
C ALA A 318 5.21 -24.24 6.89
N ARG A 319 6.32 -23.53 6.83
CA ARG A 319 6.54 -22.38 7.69
C ARG A 319 5.58 -21.25 7.41
N PHE A 320 4.86 -21.32 6.29
CA PHE A 320 3.86 -20.28 5.93
C PHE A 320 2.46 -20.63 6.43
N ILE A 321 2.29 -21.83 6.97
CA ILE A 321 1.02 -22.16 7.60
C ILE A 321 0.85 -21.20 8.78
N TYR A 322 -0.36 -20.66 8.93
CA TYR A 322 -0.58 -19.60 9.91
C TYR A 322 -0.53 -20.11 11.35
N ALA A 323 -0.07 -19.23 12.23
CA ALA A 323 -0.07 -19.45 13.66
C ALA A 323 -1.48 -19.45 14.22
N GLU A 324 -1.67 -20.37 15.17
CA GLU A 324 -2.83 -20.45 16.04
C GLU A 324 -4.13 -20.77 15.31
N ASN B 25 30.25 0.92 59.35
CA ASN B 25 30.27 0.26 58.04
C ASN B 25 31.63 -0.32 57.70
N LYS B 26 31.66 -1.38 56.90
CA LYS B 26 32.93 -1.73 56.27
C LYS B 26 33.35 -0.58 55.38
N LYS B 27 34.63 -0.25 55.40
CA LYS B 27 35.17 0.81 54.54
C LYS B 27 35.62 0.24 53.19
N PHE B 28 34.94 0.64 52.14
CA PHE B 28 35.19 0.11 50.80
C PHE B 28 36.03 1.06 50.00
N ARG B 29 36.72 0.49 49.03
CA ARG B 29 37.45 1.26 48.03
C ARG B 29 36.70 1.12 46.71
N ILE B 30 36.13 2.23 46.25
CA ILE B 30 35.28 2.22 45.07
C ILE B 30 35.97 3.05 43.99
N ALA B 31 36.26 2.46 42.84
CA ALA B 31 36.94 3.21 41.78
C ALA B 31 35.95 3.99 40.93
N LEU B 32 36.38 5.14 40.41
CA LEU B 32 35.57 5.91 39.47
C LEU B 32 36.48 6.27 38.32
N ILE B 33 36.11 5.81 37.14
CA ILE B 33 36.85 6.07 35.91
C ILE B 33 35.97 6.90 35.00
N PRO B 34 36.25 8.20 34.88
CA PRO B 34 35.47 9.08 34.01
C PRO B 34 35.77 8.87 32.53
N GLY B 35 34.95 9.45 31.66
CA GLY B 35 35.25 9.42 30.24
C GLY B 35 36.41 10.34 29.89
N LEU B 36 36.57 11.40 30.66
CA LEU B 36 37.56 12.45 30.41
C LEU B 36 37.79 13.19 31.70
N THR B 37 39.05 13.40 32.07
CA THR B 37 39.33 14.07 33.34
C THR B 37 39.03 15.56 33.33
N THR B 38 39.35 16.23 32.23
CA THR B 38 39.19 17.67 32.12
C THR B 38 37.88 18.00 31.46
N ASP B 39 36.82 17.65 32.15
CA ASP B 39 35.47 17.76 31.60
C ASP B 39 34.59 18.06 32.82
N ALA B 40 34.02 19.26 32.88
CA ALA B 40 33.22 19.67 34.03
C ALA B 40 32.12 18.66 34.40
N PHE B 41 31.60 17.95 33.40
CA PHE B 41 30.60 16.93 33.69
C PHE B 41 31.19 15.85 34.60
N TYR B 42 32.35 15.30 34.24
CA TYR B 42 32.92 14.25 35.08
C TYR B 42 33.53 14.78 36.37
N ILE B 43 34.00 16.02 36.35
CA ILE B 43 34.50 16.64 37.58
C ILE B 43 33.36 16.75 38.59
N THR B 44 32.18 17.14 38.12
CA THR B 44 31.04 17.30 38.98
C THR B 44 30.50 15.94 39.42
N MET B 45 30.55 14.95 38.54
CA MET B 45 30.17 13.58 38.91
C MET B 45 31.07 13.10 40.05
N HIS B 46 32.36 13.38 39.93
CA HIS B 46 33.32 13.01 40.95
C HIS B 46 33.01 13.67 42.29
N LYS B 47 32.65 14.96 42.28
CA LYS B 47 32.22 15.65 43.48
C LYS B 47 31.05 14.91 44.16
N GLY B 48 30.04 14.51 43.40
CA GLY B 48 28.94 13.78 43.99
C GLY B 48 29.36 12.42 44.50
N ALA B 49 30.25 11.74 43.78
CA ALA B 49 30.73 10.46 44.26
C ALA B 49 31.46 10.62 45.61
N GLU B 50 32.26 11.69 45.75
CA GLU B 50 33.04 11.87 46.96
C GLU B 50 32.09 12.15 48.12
N ALA B 51 31.02 12.88 47.83
CA ALA B 51 30.05 13.19 48.86
C ALA B 51 29.36 11.92 49.36
N ALA B 52 28.98 11.03 48.45
CA ALA B 52 28.37 9.78 48.87
C ALA B 52 29.38 8.92 49.62
N ALA B 53 30.62 8.89 49.15
CA ALA B 53 31.65 8.08 49.78
C ALA B 53 31.86 8.53 51.23
N ALA B 54 31.84 9.84 51.45
CA ALA B 54 32.05 10.33 52.80
C ALA B 54 30.85 9.93 53.66
N ALA B 55 29.67 9.85 53.06
CA ALA B 55 28.49 9.51 53.85
C ALA B 55 28.46 8.05 54.30
N ILE B 56 28.98 7.12 53.51
CA ILE B 56 28.95 5.71 53.90
C ILE B 56 30.35 5.15 54.24
N GLY B 57 31.36 6.02 54.30
CA GLY B 57 32.65 5.62 54.84
C GLY B 57 33.63 5.03 53.85
N ALA B 58 33.41 5.28 52.57
CA ALA B 58 34.20 4.71 51.51
C ALA B 58 35.27 5.69 51.03
N GLN B 59 36.25 5.16 50.33
CA GLN B 59 37.27 5.95 49.63
C GLN B 59 37.08 5.78 48.14
N ILE B 60 37.21 6.88 47.39
CA ILE B 60 37.15 6.85 45.94
C ILE B 60 38.56 6.78 45.34
N ILE B 61 38.77 5.79 44.49
CA ILE B 61 39.97 5.67 43.67
C ILE B 61 39.58 6.26 42.33
N PHE B 62 40.06 7.47 42.06
CA PHE B 62 39.66 8.20 40.86
C PHE B 62 40.83 8.22 39.90
N GLN B 63 40.59 7.79 38.67
CA GLN B 63 41.63 7.83 37.65
C GLN B 63 40.99 7.84 36.29
N GLY B 64 41.45 8.73 35.42
CA GLY B 64 40.95 8.79 34.07
C GLY B 64 42.01 9.26 33.12
N ALA B 65 41.66 9.29 31.84
CA ALA B 65 42.53 9.77 30.77
C ALA B 65 42.18 11.20 30.37
N PRO B 66 43.14 11.93 29.77
CA PRO B 66 42.92 13.32 29.38
C PRO B 66 42.25 13.49 28.02
N ASP B 67 41.86 12.38 27.40
CA ASP B 67 41.01 12.41 26.19
C ASP B 67 39.95 11.33 26.27
N PHE B 68 38.81 11.65 25.67
CA PHE B 68 37.67 10.75 25.64
C PHE B 68 37.89 9.72 24.52
N ASN B 69 38.44 8.56 24.88
CA ASN B 69 39.08 7.69 23.92
C ASN B 69 39.40 6.32 24.49
N PRO B 70 38.84 5.25 23.88
CA PRO B 70 39.11 3.93 24.43
C PRO B 70 40.61 3.58 24.50
N VAL B 71 41.38 4.10 23.55
CA VAL B 71 42.78 3.76 23.48
C VAL B 71 43.52 4.18 24.74
N THR B 72 43.13 5.31 25.34
CA THR B 72 43.76 5.74 26.59
C THR B 72 42.94 5.35 27.83
N GLN B 73 41.63 5.20 27.68
CA GLN B 73 40.83 4.76 28.81
C GLN B 73 41.16 3.31 29.22
N VAL B 74 41.46 2.44 28.27
CA VAL B 74 41.63 1.04 28.64
C VAL B 74 42.88 0.82 29.53
N PRO B 75 44.03 1.44 29.19
CA PRO B 75 45.15 1.26 30.14
C PRO B 75 44.89 1.86 31.53
N VAL B 76 44.06 2.91 31.62
CA VAL B 76 43.62 3.38 32.93
C VAL B 76 42.85 2.30 33.67
N LEU B 77 41.89 1.69 32.97
CA LEU B 77 41.11 0.61 33.57
C LEU B 77 42.04 -0.53 34.02
N ASP B 78 43.06 -0.86 33.23
CA ASP B 78 43.97 -1.91 33.63
C ASP B 78 44.72 -1.53 34.92
N ALA B 79 45.12 -0.27 35.03
CA ALA B 79 45.81 0.17 36.23
C ALA B 79 44.88 0.09 37.44
N VAL B 80 43.59 0.37 37.21
CA VAL B 80 42.62 0.37 38.31
C VAL B 80 42.35 -1.07 38.77
N ILE B 81 42.21 -1.98 37.82
CA ILE B 81 42.00 -3.40 38.11
C ILE B 81 43.12 -3.89 39.03
N ALA B 82 44.34 -3.46 38.73
CA ALA B 82 45.48 -3.93 39.49
C ALA B 82 45.50 -3.42 40.95
N LYS B 83 44.78 -2.34 41.21
CA LYS B 83 44.61 -1.85 42.56
C LYS B 83 43.57 -2.63 43.35
N LYS B 84 42.90 -3.59 42.72
CA LYS B 84 41.92 -4.47 43.37
C LYS B 84 40.88 -3.66 44.15
N PRO B 85 40.18 -2.74 43.47
CA PRO B 85 39.09 -2.05 44.17
C PRO B 85 37.95 -3.00 44.51
N ASP B 86 37.12 -2.60 45.46
CA ASP B 86 35.97 -3.42 45.81
C ASP B 86 34.89 -3.36 44.74
N ALA B 87 34.86 -2.26 43.98
CA ALA B 87 33.86 -2.04 42.92
C ALA B 87 34.42 -1.02 41.95
N ILE B 88 33.92 -1.05 40.72
CA ILE B 88 34.28 -0.06 39.71
C ILE B 88 33.06 0.66 39.17
N LEU B 89 33.12 1.99 39.19
CA LEU B 89 32.21 2.86 38.44
C LEU B 89 32.97 3.37 37.24
N ILE B 90 32.37 3.25 36.06
CA ILE B 90 33.04 3.69 34.85
C ILE B 90 32.07 4.24 33.84
N ALA B 91 32.53 5.30 33.16
CA ALA B 91 31.86 5.84 31.97
C ALA B 91 32.60 5.31 30.73
N PRO B 92 32.15 4.15 30.18
CA PRO B 92 32.87 3.62 29.01
C PRO B 92 32.84 4.58 27.82
N THR B 93 33.97 4.80 27.14
CA THR B 93 34.06 5.79 26.07
C THR B 93 33.58 5.29 24.70
N ASP B 94 33.23 4.01 24.65
CA ASP B 94 32.67 3.41 23.43
C ASP B 94 31.84 2.19 23.84
N THR B 95 30.72 1.98 23.17
CA THR B 95 29.79 0.96 23.62
C THR B 95 30.32 -0.42 23.34
N THR B 96 31.14 -0.51 22.30
CA THR B 96 31.66 -1.79 21.84
C THR B 96 33.08 -2.04 22.35
N GLN B 97 33.94 -1.04 22.23
CA GLN B 97 35.36 -1.27 22.54
C GLN B 97 35.71 -1.40 24.02
N LEU B 98 34.78 -1.09 24.91
CA LEU B 98 35.01 -1.28 26.33
C LEU B 98 34.45 -2.60 26.87
N VAL B 99 33.79 -3.40 26.03
CA VAL B 99 33.19 -4.62 26.52
C VAL B 99 34.26 -5.62 27.00
N GLN B 100 35.22 -5.95 26.14
CA GLN B 100 36.17 -6.99 26.51
C GLN B 100 37.14 -6.47 27.58
N PRO B 101 37.55 -5.20 27.49
CA PRO B 101 38.36 -4.67 28.61
C PRO B 101 37.67 -4.77 29.98
N LEU B 102 36.38 -4.49 30.02
CA LEU B 102 35.65 -4.52 31.28
C LEU B 102 35.38 -5.96 31.69
N LYS B 103 35.25 -6.85 30.71
CA LYS B 103 35.07 -8.25 31.04
C LYS B 103 36.27 -8.78 31.84
N LYS B 104 37.46 -8.26 31.60
CA LYS B 104 38.61 -8.64 32.40
C LYS B 104 38.39 -8.31 33.90
N ALA B 105 37.79 -7.15 34.19
CA ALA B 105 37.47 -6.83 35.57
C ALA B 105 36.43 -7.77 36.12
N ALA B 106 35.43 -8.14 35.30
CA ALA B 106 34.41 -9.09 35.77
C ALA B 106 35.03 -10.47 36.02
N ASP B 107 35.94 -10.89 35.15
CA ASP B 107 36.66 -12.15 35.37
C ASP B 107 37.53 -12.10 36.63
N ALA B 108 37.93 -10.89 37.03
CA ALA B 108 38.71 -10.68 38.24
C ALA B 108 37.81 -10.65 39.47
N GLY B 109 36.51 -10.76 39.27
CA GLY B 109 35.55 -10.80 40.37
C GLY B 109 35.18 -9.41 40.90
N ILE B 110 35.46 -8.38 40.12
CA ILE B 110 35.16 -7.02 40.53
C ILE B 110 33.78 -6.57 40.02
N PRO B 111 32.84 -6.29 40.94
CA PRO B 111 31.53 -5.81 40.49
C PRO B 111 31.64 -4.40 39.92
N MET B 112 30.79 -4.06 38.96
CA MET B 112 30.85 -2.73 38.36
C MET B 112 29.48 -2.19 38.01
N ILE B 113 29.45 -0.87 37.87
CA ILE B 113 28.28 -0.10 37.46
C ILE B 113 28.77 0.84 36.36
N THR B 114 28.02 1.01 35.28
CA THR B 114 28.44 2.03 34.33
C THR B 114 27.60 3.28 34.63
N VAL B 115 28.32 4.39 34.62
CA VAL B 115 27.75 5.70 34.87
C VAL B 115 27.86 6.53 33.58
N ASP B 116 26.83 7.34 33.32
CA ASP B 116 26.72 8.21 32.13
C ASP B 116 26.48 7.44 30.84
N THR B 117 27.48 6.65 30.46
CA THR B 117 27.46 5.83 29.25
C THR B 117 27.32 4.35 29.57
N PHE B 118 26.99 3.57 28.54
CA PHE B 118 26.88 2.13 28.67
C PHE B 118 27.72 1.37 27.68
N ILE B 119 27.92 0.11 28.02
CA ILE B 119 28.35 -0.90 27.05
C ILE B 119 27.18 -1.78 26.64
N GLY B 120 27.33 -2.49 25.53
CA GLY B 120 26.26 -3.34 25.04
C GLY B 120 25.06 -2.49 24.69
N THR B 121 23.92 -2.82 25.30
CA THR B 121 22.68 -2.05 25.13
C THR B 121 22.39 -1.19 26.35
N GLY B 122 23.14 -1.35 27.42
CA GLY B 122 22.82 -0.69 28.66
C GLY B 122 21.75 -1.40 29.47
N ASP B 123 21.26 -2.52 28.93
CA ASP B 123 20.39 -3.43 29.68
C ASP B 123 21.23 -4.54 30.29
N TYR B 124 21.35 -4.48 31.60
CA TYR B 124 22.25 -5.34 32.33
C TYR B 124 21.50 -6.34 33.20
N GLN B 125 22.20 -7.41 33.55
CA GLN B 125 21.67 -8.47 34.40
C GLN B 125 20.42 -9.11 33.78
N THR B 126 20.35 -9.10 32.46
CA THR B 126 19.23 -9.72 31.76
C THR B 126 19.47 -11.21 31.56
N GLY B 127 20.72 -11.62 31.59
CA GLY B 127 21.06 -13.03 31.39
C GLY B 127 21.51 -13.36 29.98
N ALA B 128 21.57 -12.37 29.11
CA ALA B 128 22.05 -12.57 27.75
C ALA B 128 22.75 -11.32 27.23
N GLY B 129 23.53 -11.49 26.16
CA GLY B 129 24.26 -10.39 25.56
C GLY B 129 25.68 -10.39 26.09
N ASP B 130 26.60 -9.78 25.35
CA ASP B 130 28.02 -9.83 25.72
C ASP B 130 28.47 -8.71 26.66
N GLY B 131 27.60 -7.72 26.87
CA GLY B 131 27.86 -6.62 27.80
C GLY B 131 26.83 -6.57 28.90
N ASP B 132 26.48 -7.74 29.42
CA ASP B 132 25.40 -7.92 30.37
C ASP B 132 25.85 -7.86 31.84
N PHE B 133 27.15 -7.92 32.07
CA PHE B 133 27.69 -8.18 33.41
C PHE B 133 27.72 -7.00 34.39
N PRO B 134 27.68 -5.73 33.92
CA PRO B 134 27.55 -4.69 34.95
C PRO B 134 26.25 -4.82 35.76
N LEU B 135 26.20 -4.23 36.94
CA LEU B 135 25.05 -4.37 37.82
C LEU B 135 23.94 -3.37 37.55
N SER B 136 24.34 -2.20 37.04
CA SER B 136 23.43 -1.09 36.87
C SER B 136 23.99 -0.10 35.87
N TYR B 137 23.06 0.67 35.28
CA TYR B 137 23.36 1.78 34.39
C TYR B 137 22.71 3.02 34.97
N ILE B 138 23.52 3.99 35.39
CA ILE B 138 23.01 5.17 36.09
C ILE B 138 23.39 6.38 35.24
N ALA B 139 22.40 7.10 34.74
CA ALA B 139 22.66 8.15 33.74
C ALA B 139 21.40 8.95 33.47
N SER B 140 21.54 10.01 32.70
CA SER B 140 20.40 10.69 32.12
C SER B 140 19.61 9.78 31.18
N ASP B 141 18.36 10.15 30.94
CA ASP B 141 17.58 9.58 29.86
C ASP B 141 18.01 10.33 28.59
N ASN B 142 18.99 9.79 27.87
CA ASN B 142 19.63 10.59 26.83
C ASN B 142 18.82 10.77 25.55
N VAL B 143 17.95 9.82 25.22
CA VAL B 143 17.02 10.03 24.12
C VAL B 143 16.10 11.21 24.46
N LEU B 144 15.53 11.21 25.64
CA LEU B 144 14.72 12.34 26.09
C LEU B 144 15.48 13.66 26.04
N GLY B 145 16.75 13.64 26.42
CA GLY B 145 17.58 14.82 26.35
C GLY B 145 17.62 15.41 24.96
N GLY B 146 17.77 14.55 23.96
CA GLY B 146 17.72 14.99 22.57
C GLY B 146 16.36 15.55 22.17
N GLU B 147 15.29 14.94 22.68
CA GLU B 147 13.93 15.40 22.35
C GLU B 147 13.68 16.79 22.94
N ILE B 148 14.10 16.97 24.18
CA ILE B 148 14.02 18.27 24.85
C ILE B 148 14.82 19.33 24.09
N ALA B 149 16.05 18.97 23.69
CA ALA B 149 16.87 19.90 22.91
C ALA B 149 16.17 20.28 21.62
N ALA B 150 15.51 19.33 20.97
CA ALA B 150 14.82 19.66 19.72
C ALA B 150 13.64 20.59 19.97
N ARG B 151 12.83 20.32 20.98
CA ARG B 151 11.72 21.20 21.30
C ARG B 151 12.21 22.61 21.66
N SER B 152 13.36 22.69 22.33
CA SER B 152 13.93 23.98 22.74
C SER B 152 14.40 24.77 21.54
N LEU B 153 15.07 24.07 20.64
CA LEU B 153 15.62 24.72 19.45
C LEU B 153 14.47 25.11 18.53
N ALA B 154 13.45 24.27 18.42
CA ALA B 154 12.31 24.60 17.57
C ALA B 154 11.63 25.86 18.09
N LEU B 155 11.50 25.99 19.40
CA LEU B 155 10.97 27.21 20.00
C LEU B 155 11.81 28.42 19.62
N ALA B 156 13.11 28.29 19.84
CA ALA B 156 14.06 29.39 19.58
C ALA B 156 14.03 29.89 18.14
N ILE B 157 13.85 28.97 17.17
CA ILE B 157 13.88 29.36 15.75
C ILE B 157 12.49 29.61 15.16
N GLY B 158 11.46 29.60 16.01
CA GLY B 158 10.09 29.88 15.55
C GLY B 158 9.51 28.78 14.68
N ASP B 159 9.99 27.57 14.92
CA ASP B 159 9.43 26.34 14.36
C ASP B 159 9.58 26.19 12.86
N LYS B 160 10.59 26.85 12.30
CA LYS B 160 10.97 26.66 10.91
C LYS B 160 12.46 26.98 10.72
N GLY B 161 13.05 26.40 9.69
CA GLY B 161 14.41 26.74 9.30
C GLY B 161 15.37 25.58 9.38
N LYS B 162 16.60 25.84 8.94
CA LYS B 162 17.65 24.84 8.86
C LYS B 162 18.41 24.72 10.19
N VAL B 163 18.59 23.48 10.65
CA VAL B 163 19.37 23.21 11.87
C VAL B 163 20.26 22.01 11.62
N TYR B 164 21.21 21.76 12.51
CA TYR B 164 21.94 20.51 12.50
C TYR B 164 22.43 20.19 13.90
N VAL B 165 22.81 18.94 14.07
CA VAL B 165 23.43 18.48 15.30
C VAL B 165 24.94 18.53 15.19
N SER B 166 25.55 19.24 16.11
CA SER B 166 26.98 19.18 16.36
C SER B 166 27.23 18.07 17.39
N ASN B 167 27.94 17.01 17.00
CA ASN B 167 28.08 15.83 17.85
C ASN B 167 29.53 15.38 17.91
N VAL B 168 29.77 14.39 18.73
CA VAL B 168 31.13 13.96 19.07
C VAL B 168 31.67 12.95 18.06
N LYS B 169 31.18 11.71 18.15
CA LYS B 169 31.67 10.59 17.34
C LYS B 169 30.64 9.49 17.42
N PRO B 170 30.39 8.79 16.30
CA PRO B 170 29.55 7.59 16.44
C PRO B 170 30.10 6.58 17.45
N GLY B 171 29.18 5.93 18.17
CA GLY B 171 29.54 4.85 19.06
C GLY B 171 29.66 5.19 20.53
N VAL B 172 29.46 6.45 20.87
CA VAL B 172 29.34 6.89 22.25
C VAL B 172 27.84 6.82 22.58
N SER B 173 27.47 6.05 23.62
CA SER B 173 26.06 5.71 23.81
C SER B 173 25.20 6.95 24.02
N THR B 174 25.69 7.86 24.82
CA THR B 174 24.96 9.05 25.20
C THR B 174 24.65 9.98 24.02
N THR B 175 25.69 10.35 23.30
CA THR B 175 25.49 11.30 22.23
C THR B 175 24.82 10.64 21.01
N ASP B 176 24.96 9.32 20.86
CA ASP B 176 24.19 8.64 19.83
C ASP B 176 22.70 8.78 20.17
N GLN B 177 22.34 8.57 21.44
CA GLN B 177 20.93 8.64 21.83
C GLN B 177 20.39 10.05 21.71
N ARG B 178 21.19 11.04 22.09
CA ARG B 178 20.75 12.43 21.99
C ARG B 178 20.42 12.82 20.54
N GLU B 179 21.27 12.40 19.62
CA GLU B 179 21.04 12.65 18.21
C GLU B 179 19.77 11.93 17.75
N GLN B 180 19.57 10.68 18.18
CA GLN B 180 18.36 9.95 17.78
C GLN B 180 17.10 10.65 18.29
N GLY B 181 17.13 11.10 19.55
CA GLY B 181 16.00 11.80 20.14
C GLY B 181 15.71 13.13 19.47
N PHE B 182 16.79 13.85 19.16
CA PHE B 182 16.66 15.12 18.47
C PHE B 182 16.03 14.93 17.08
N LYS B 183 16.48 13.91 16.34
CA LYS B 183 16.01 13.70 14.97
C LYS B 183 14.58 13.20 14.95
N SER B 184 14.21 12.35 15.91
CA SER B 184 12.85 11.84 15.93
C SER B 184 11.89 12.96 16.36
N GLU B 185 12.32 13.81 17.28
CA GLU B 185 11.46 14.92 17.66
C GLU B 185 11.31 15.89 16.50
N MET B 186 12.42 16.21 15.83
CA MET B 186 12.36 17.18 14.72
C MET B 186 11.54 16.69 13.54
N ALA B 187 11.46 15.38 13.36
CA ALA B 187 10.63 14.83 12.30
C ALA B 187 9.18 15.28 12.45
N LYS B 188 8.77 15.67 13.65
CA LYS B 188 7.38 16.10 13.85
C LYS B 188 7.17 17.58 13.46
N HIS B 189 8.26 18.26 13.06
CA HIS B 189 8.22 19.68 12.73
C HIS B 189 8.53 19.88 11.24
N PRO B 190 7.49 19.89 10.38
CA PRO B 190 7.78 19.85 8.94
C PRO B 190 8.43 21.11 8.37
N GLY B 191 8.40 22.22 9.09
CA GLY B 191 9.01 23.44 8.62
C GLY B 191 10.53 23.49 8.87
N ILE B 192 11.00 22.53 9.66
CA ILE B 192 12.40 22.48 10.06
C ILE B 192 13.18 21.50 9.18
N THR B 193 14.37 21.90 8.76
CA THR B 193 15.23 21.05 7.96
C THR B 193 16.44 20.66 8.79
N VAL B 194 16.65 19.36 8.95
CA VAL B 194 17.80 18.89 9.71
C VAL B 194 18.90 18.55 8.74
N LEU B 195 19.95 19.37 8.73
CA LEU B 195 21.12 19.14 7.89
C LEU B 195 21.99 18.05 8.46
N GLU B 196 23.04 17.68 7.74
CA GLU B 196 23.87 16.55 8.13
C GLU B 196 24.59 16.83 9.44
N THR B 197 24.61 15.85 10.33
CA THR B 197 25.34 15.93 11.59
C THR B 197 26.83 16.15 11.34
N GLN B 198 27.42 17.03 12.14
CA GLN B 198 28.85 17.35 12.05
C GLN B 198 29.52 16.77 13.28
N PHE B 199 30.53 15.91 13.05
CA PHE B 199 31.19 15.21 14.15
C PHE B 199 32.54 15.87 14.42
N ASN B 200 32.73 16.30 15.66
CA ASN B 200 33.91 17.05 16.03
C ASN B 200 34.98 16.28 16.83
N ASP B 201 34.72 15.01 17.12
CA ASP B 201 35.65 14.19 17.91
C ASP B 201 35.95 14.79 19.30
N ASN B 202 34.95 15.47 19.83
CA ASN B 202 34.99 16.13 21.14
C ASN B 202 35.89 17.36 21.22
N ASP B 203 36.24 17.91 20.06
CA ASP B 203 37.12 19.06 19.97
C ASP B 203 36.31 20.33 19.71
N ALA B 204 36.28 21.24 20.67
CA ALA B 204 35.51 22.46 20.51
C ALA B 204 36.03 23.35 19.37
N ASN B 205 37.32 23.27 19.04
CA ASN B 205 37.82 24.01 17.90
C ASN B 205 37.19 23.52 16.60
N LYS B 206 37.10 22.20 16.47
CA LYS B 206 36.55 21.61 15.28
C LYS B 206 35.05 21.92 15.18
N ALA B 207 34.35 21.93 16.31
CA ALA B 207 32.95 22.29 16.30
C ALA B 207 32.75 23.72 15.82
N ALA B 208 33.60 24.62 16.30
CA ALA B 208 33.49 26.01 15.86
C ALA B 208 33.75 26.13 14.36
N SER B 209 34.76 25.39 13.88
CA SER B 209 35.07 25.38 12.45
C SER B 209 33.90 24.86 11.65
N GLN B 210 33.30 23.79 12.13
CA GLN B 210 32.24 23.15 11.38
C GLN B 210 31.01 24.02 11.30
N LEU B 211 30.71 24.75 12.36
CA LEU B 211 29.63 25.74 12.32
C LEU B 211 29.87 26.72 11.18
N GLN B 212 31.07 27.23 11.08
CA GLN B 212 31.37 28.22 10.07
C GLN B 212 31.31 27.66 8.67
N ALA B 213 31.67 26.38 8.51
CA ALA B 213 31.52 25.73 7.23
C ALA B 213 30.06 25.54 6.86
N VAL B 214 29.24 25.09 7.81
CA VAL B 214 27.82 24.93 7.53
C VAL B 214 27.20 26.29 7.18
N TYR B 215 27.57 27.33 7.92
CA TYR B 215 27.03 28.65 7.71
C TYR B 215 27.44 29.22 6.34
N ALA B 216 28.64 28.88 5.90
CA ALA B 216 29.10 29.35 4.58
C ALA B 216 28.28 28.69 3.46
N ARG B 217 27.94 27.42 3.62
CA ARG B 217 27.11 26.73 2.62
C ARG B 217 25.63 27.09 2.81
N ASN B 218 25.29 27.62 3.98
CA ASN B 218 23.90 27.89 4.36
C ASN B 218 23.77 29.23 5.08
N PRO B 219 23.84 30.35 4.36
CA PRO B 219 23.71 31.67 4.97
C PRO B 219 22.41 31.86 5.74
N ASP B 220 21.41 31.03 5.43
CA ASP B 220 20.13 31.07 6.13
C ASP B 220 20.03 30.10 7.31
N LEU B 221 21.14 29.50 7.73
CA LEU B 221 21.14 28.59 8.88
C LEU B 221 20.41 29.20 10.08
N ALA B 222 19.49 28.46 10.69
CA ALA B 222 18.64 28.99 11.74
C ALA B 222 19.13 28.61 13.13
N GLY B 223 19.69 27.41 13.27
CA GLY B 223 20.11 26.96 14.59
C GLY B 223 21.02 25.75 14.63
N VAL B 224 21.57 25.50 15.81
CA VAL B 224 22.43 24.34 16.01
C VAL B 224 22.20 23.76 17.39
N PHE B 225 22.23 22.44 17.46
CA PHE B 225 22.19 21.71 18.73
C PHE B 225 23.55 21.08 18.98
N GLY B 226 24.24 21.49 20.06
CA GLY B 226 25.47 20.84 20.45
C GLY B 226 25.17 19.71 21.43
N ALA B 227 25.44 18.47 21.04
CA ALA B 227 24.93 17.33 21.80
C ALA B 227 25.75 16.97 23.04
N ASN B 228 26.85 17.69 23.30
CA ASN B 228 27.53 17.59 24.59
C ASN B 228 28.24 18.90 24.85
N LEU B 229 28.87 19.01 26.03
CA LEU B 229 29.54 20.22 26.48
C LEU B 229 30.42 20.83 25.39
N PHE B 230 31.33 20.02 24.86
CA PHE B 230 32.30 20.58 23.91
C PHE B 230 31.68 20.94 22.57
N SER B 231 30.67 20.18 22.15
CA SER B 231 29.99 20.44 20.90
C SER B 231 29.22 21.75 21.00
N GLY B 232 28.55 21.91 22.13
CA GLY B 232 27.82 23.14 22.39
C GLY B 232 28.71 24.35 22.51
N LEU B 233 29.79 24.20 23.25
CA LEU B 233 30.70 25.32 23.52
C LEU B 233 31.35 25.76 22.20
N GLY B 234 31.83 24.79 21.46
CA GLY B 234 32.46 25.09 20.19
C GLY B 234 31.50 25.66 19.16
N SER B 235 30.28 25.12 19.11
CA SER B 235 29.30 25.66 18.16
C SER B 235 29.00 27.11 18.52
N ALA B 236 28.79 27.39 19.82
CA ALA B 236 28.54 28.76 20.26
C ALA B 236 29.70 29.66 19.86
N ASN B 237 30.93 29.21 20.10
CA ASN B 237 32.08 30.02 19.75
C ASN B 237 32.15 30.28 18.25
N GLY B 238 31.80 29.29 17.42
CA GLY B 238 31.74 29.49 15.98
C GLY B 238 30.71 30.52 15.57
N VAL B 239 29.52 30.45 16.17
CA VAL B 239 28.50 31.44 15.93
C VAL B 239 29.01 32.83 16.28
N GLN B 240 29.70 32.96 17.40
CA GLN B 240 30.24 34.25 17.82
C GLN B 240 31.25 34.77 16.80
N GLN B 241 32.15 33.88 16.38
N GLN B 241 32.16 33.87 16.40
CA GLN B 241 33.22 34.24 15.46
CA GLN B 241 33.20 34.16 15.42
C GLN B 241 32.67 34.62 14.08
C GLN B 241 32.61 34.69 14.12
N ALA B 242 31.50 34.09 13.74
CA ALA B 242 30.85 34.40 12.47
C ALA B 242 30.04 35.70 12.52
N GLY B 243 30.00 36.32 13.70
CA GLY B 243 29.24 37.54 13.89
C GLY B 243 27.74 37.33 14.02
N GLN B 244 27.31 36.11 14.33
CA GLN B 244 25.90 35.76 14.24
C GLN B 244 25.25 35.46 15.59
N SER B 245 25.87 35.91 16.68
CA SER B 245 25.30 35.73 18.01
C SER B 245 23.87 36.26 18.02
N GLY B 246 22.93 35.45 18.54
CA GLY B 246 21.54 35.86 18.62
C GLY B 246 20.74 35.60 17.36
N THR B 247 21.46 35.38 16.26
CA THR B 247 20.82 35.15 14.97
C THR B 247 20.77 33.65 14.66
N ILE B 248 21.90 32.98 14.74
CA ILE B 248 21.92 31.53 14.68
C ILE B 248 21.71 31.06 16.11
N LYS B 249 20.56 30.44 16.36
CA LYS B 249 20.22 30.01 17.72
C LYS B 249 21.00 28.77 18.13
N VAL B 250 21.42 28.74 19.40
CA VAL B 250 22.16 27.62 19.94
C VAL B 250 21.45 27.01 21.14
N VAL B 251 21.32 25.70 21.10
CA VAL B 251 20.87 24.91 22.25
C VAL B 251 22.06 24.02 22.55
N ALA B 252 22.56 24.13 23.78
CA ALA B 252 23.78 23.45 24.18
C ALA B 252 23.52 22.42 25.27
N PHE B 253 23.93 21.18 25.06
CA PHE B 253 23.89 20.19 26.13
C PHE B 253 24.99 20.52 27.13
N ASP B 254 24.71 20.18 28.40
CA ASP B 254 25.58 20.39 29.57
C ASP B 254 25.67 21.88 29.97
N ALA B 255 26.25 22.15 31.13
CA ALA B 255 26.21 23.48 31.74
C ALA B 255 27.52 23.83 32.42
N PRO B 256 28.59 23.99 31.64
CA PRO B 256 29.83 24.53 32.21
C PRO B 256 29.58 25.96 32.65
N GLY B 257 30.45 26.51 33.48
CA GLY B 257 30.26 27.87 33.98
C GLY B 257 30.08 28.93 32.91
N SER B 258 30.61 28.67 31.71
CA SER B 258 30.51 29.62 30.62
C SER B 258 29.05 29.85 30.21
N VAL B 259 28.13 28.99 30.64
CA VAL B 259 26.74 29.19 30.22
C VAL B 259 26.16 30.47 30.80
N VAL B 260 26.67 30.93 31.94
CA VAL B 260 26.17 32.16 32.54
C VAL B 260 26.35 33.33 31.58
N ASP B 261 27.59 33.55 31.14
CA ASP B 261 27.85 34.65 30.22
C ASP B 261 27.21 34.41 28.86
N ASN B 262 27.17 33.16 28.40
CA ASN B 262 26.69 32.91 27.06
C ASN B 262 25.17 32.98 26.96
N LEU B 263 24.47 32.63 28.03
CA LEU B 263 23.03 32.89 28.07
C LEU B 263 22.77 34.40 28.16
N LYS B 264 23.54 35.10 28.96
CA LYS B 264 23.24 36.51 29.20
C LYS B 264 23.53 37.38 27.97
N SER B 265 24.50 36.98 27.18
CA SER B 265 24.83 37.72 25.95
C SER B 265 23.89 37.39 24.78
N GLY B 266 23.08 36.35 24.95
CA GLY B 266 22.25 35.86 23.85
C GLY B 266 22.91 34.87 22.90
N LEU B 267 24.16 34.52 23.16
CA LEU B 267 24.89 33.60 22.29
C LEU B 267 24.30 32.19 22.30
N ILE B 268 23.85 31.71 23.47
CA ILE B 268 23.06 30.47 23.51
C ILE B 268 21.69 30.79 24.12
N ASP B 269 20.66 30.07 23.68
CA ASP B 269 19.31 30.28 24.18
C ASP B 269 18.99 29.35 25.31
N PHE B 270 19.44 28.09 25.21
CA PHE B 270 19.20 27.11 26.28
C PHE B 270 20.41 26.23 26.53
N ALA B 271 20.61 25.90 27.80
CA ALA B 271 21.60 24.91 28.19
C ALA B 271 20.87 23.80 28.88
N ILE B 272 21.06 22.56 28.42
CA ILE B 272 20.39 21.42 29.03
C ILE B 272 21.36 20.78 30.02
N ALA B 273 21.19 21.14 31.30
CA ALA B 273 22.06 20.61 32.35
C ALA B 273 21.66 19.19 32.67
N GLN B 274 22.62 18.28 32.65
CA GLN B 274 22.43 17.00 33.29
C GLN B 274 22.66 17.17 34.81
N HIS B 275 22.53 16.08 35.58
CA HIS B 275 22.79 16.10 37.00
C HIS B 275 23.96 15.15 37.32
N PRO B 276 25.17 15.52 36.90
CA PRO B 276 26.29 14.60 37.11
C PRO B 276 26.55 14.27 38.58
N ALA B 277 26.37 15.21 39.50
CA ALA B 277 26.67 14.89 40.88
C ALA B 277 25.74 13.79 41.36
N GLU B 278 24.50 13.82 40.87
CA GLU B 278 23.50 12.85 41.27
C GLU B 278 23.88 11.45 40.72
N ILE B 279 24.42 11.44 39.51
CA ILE B 279 24.90 10.19 38.89
C ILE B 279 26.02 9.60 39.74
N GLY B 280 26.96 10.44 40.14
CA GLY B 280 28.09 9.99 40.91
C GLY B 280 27.66 9.50 42.28
N TYR B 281 26.81 10.28 42.92
CA TYR B 281 26.27 9.96 44.24
C TYR B 281 25.57 8.60 44.24
N TYR B 282 24.63 8.42 43.32
CA TYR B 282 23.89 7.15 43.29
C TYR B 282 24.75 6.00 42.80
N GLY B 283 25.76 6.29 42.01
CA GLY B 283 26.72 5.25 41.65
C GLY B 283 27.45 4.70 42.88
N VAL B 284 27.90 5.59 43.76
CA VAL B 284 28.65 5.16 44.93
C VAL B 284 27.72 4.46 45.92
N ILE B 285 26.54 5.03 46.15
CA ILE B 285 25.60 4.38 47.09
C ILE B 285 25.20 2.98 46.59
N SER B 286 24.91 2.87 45.30
CA SER B 286 24.53 1.58 44.73
C SER B 286 25.66 0.56 44.84
N ALA B 287 26.89 0.99 44.67
CA ALA B 287 28.00 0.06 44.80
C ALA B 287 28.10 -0.40 46.27
N TYR B 288 27.96 0.55 47.20
CA TYR B 288 27.95 0.22 48.62
C TYR B 288 26.84 -0.76 48.95
N ALA B 289 25.63 -0.49 48.44
CA ALA B 289 24.51 -1.37 48.69
C ALA B 289 24.81 -2.79 48.20
N HIS B 290 25.32 -2.89 46.98
CA HIS B 290 25.66 -4.18 46.43
C HIS B 290 26.68 -4.93 47.29
N LEU B 291 27.70 -4.20 47.73
CA LEU B 291 28.81 -4.80 48.43
C LEU B 291 28.38 -5.28 49.79
N THR B 292 27.26 -4.77 50.27
CA THR B 292 26.72 -5.21 51.56
C THR B 292 25.52 -6.14 51.41
N GLY B 293 25.33 -6.68 50.21
CA GLY B 293 24.34 -7.71 50.02
C GLY B 293 22.93 -7.24 49.67
N GLN B 294 22.78 -5.96 49.37
CA GLN B 294 21.48 -5.41 49.00
C GLN B 294 21.33 -5.35 47.49
N SER B 295 20.18 -5.84 47.00
CA SER B 295 19.86 -5.72 45.59
C SER B 295 19.76 -4.25 45.17
N ILE B 296 20.14 -3.97 43.93
CA ILE B 296 20.08 -2.61 43.39
C ILE B 296 19.38 -2.60 42.02
N PRO B 297 18.79 -1.46 41.66
CA PRO B 297 18.10 -1.36 40.36
C PRO B 297 19.09 -1.49 39.20
N THR B 298 18.67 -2.11 38.11
CA THR B 298 19.58 -2.21 36.98
C THR B 298 19.68 -0.91 36.18
N LYS B 299 18.79 0.06 36.46
CA LYS B 299 18.83 1.38 35.82
C LYS B 299 18.39 2.42 36.82
N ILE B 300 19.10 3.54 36.87
CA ILE B 300 18.61 4.71 37.58
C ILE B 300 18.75 5.87 36.62
N GLY B 301 17.64 6.56 36.40
CA GLY B 301 17.60 7.67 35.47
C GLY B 301 17.63 8.99 36.22
N THR B 302 18.65 9.79 35.94
CA THR B 302 18.78 11.11 36.57
C THR B 302 18.24 12.19 35.63
N GLY B 303 17.86 13.32 36.20
CA GLY B 303 17.07 14.29 35.47
C GLY B 303 17.85 15.37 34.75
N PHE B 304 17.08 16.26 34.12
CA PHE B 304 17.60 17.47 33.48
C PHE B 304 17.09 18.73 34.16
N THR B 305 17.89 19.77 34.01
CA THR B 305 17.52 21.13 34.37
C THR B 305 17.77 22.01 33.16
N VAL B 306 16.71 22.62 32.64
CA VAL B 306 16.83 23.44 31.44
C VAL B 306 17.08 24.85 31.86
N ILE B 307 18.24 25.39 31.45
CA ILE B 307 18.69 26.69 31.89
C ILE B 307 18.55 27.71 30.78
N ASN B 308 17.94 28.85 31.11
CA ASN B 308 17.77 29.95 30.18
C ASN B 308 18.27 31.26 30.80
N LYS B 309 18.19 32.34 30.03
CA LYS B 309 18.75 33.64 30.43
C LYS B 309 18.19 34.18 31.75
N SER B 310 16.95 33.81 32.02
CA SER B 310 16.24 34.25 33.21
C SER B 310 16.48 33.37 34.44
N ASN B 311 16.38 32.06 34.29
CA ASN B 311 16.37 31.23 35.48
C ASN B 311 17.75 30.82 35.90
N VAL B 312 18.77 31.27 35.17
CA VAL B 312 20.14 30.94 35.53
C VAL B 312 20.50 31.54 36.90
N THR B 313 19.79 32.58 37.32
CA THR B 313 20.02 33.14 38.65
C THR B 313 18.99 32.69 39.72
N ASP B 314 18.10 31.76 39.39
CA ASP B 314 17.28 31.07 40.39
C ASP B 314 18.22 30.13 41.14
N PRO B 315 18.29 30.27 42.47
CA PRO B 315 19.31 29.46 43.18
C PRO B 315 19.15 27.96 42.97
N ALA B 316 17.90 27.50 42.80
CA ALA B 316 17.64 26.07 42.64
C ALA B 316 18.02 25.57 41.24
N VAL B 317 18.25 26.50 40.30
CA VAL B 317 18.75 26.19 38.97
C VAL B 317 20.27 26.36 38.91
N ALA B 318 20.77 27.45 39.46
CA ALA B 318 22.21 27.75 39.44
C ALA B 318 23.05 26.64 40.07
N ARG B 319 22.49 25.95 41.04
CA ARG B 319 23.18 24.87 41.73
C ARG B 319 23.54 23.72 40.79
N PHE B 320 22.91 23.66 39.62
CA PHE B 320 23.18 22.59 38.64
C PHE B 320 24.24 23.01 37.61
N ILE B 321 24.70 24.25 37.66
CA ILE B 321 25.85 24.64 36.83
C ILE B 321 27.08 23.84 37.30
N TYR B 322 27.78 23.24 36.34
CA TYR B 322 28.80 22.26 36.68
C TYR B 322 29.97 22.92 37.36
N ALA B 323 30.60 22.17 38.25
CA ALA B 323 31.88 22.53 38.83
C ALA B 323 32.98 22.32 37.79
N GLU B 324 34.06 23.09 37.87
CA GLU B 324 35.14 22.90 36.90
C GLU B 324 36.50 22.72 37.55
N LYS C 27 25.31 -9.84 14.69
CA LYS C 27 25.97 -8.78 13.93
C LYS C 27 26.25 -9.19 12.48
N PHE C 28 25.24 -9.08 11.65
CA PHE C 28 25.38 -9.43 10.26
C PHE C 28 26.20 -8.41 9.49
N ARG C 29 26.90 -8.89 8.47
CA ARG C 29 27.68 -8.06 7.58
C ARG C 29 27.00 -8.06 6.22
N ILE C 30 26.47 -6.90 5.84
CA ILE C 30 25.70 -6.75 4.60
C ILE C 30 26.49 -5.88 3.62
N ALA C 31 26.89 -6.46 2.49
CA ALA C 31 27.60 -5.67 1.49
C ALA C 31 26.67 -4.80 0.67
N LEU C 32 27.16 -3.64 0.28
CA LEU C 32 26.45 -2.77 -0.65
C LEU C 32 27.41 -2.41 -1.75
N ILE C 33 27.09 -2.87 -2.96
CA ILE C 33 27.88 -2.63 -4.14
C ILE C 33 27.11 -1.69 -5.05
N PRO C 34 27.48 -0.40 -5.05
CA PRO C 34 26.78 0.58 -5.88
C PRO C 34 27.14 0.44 -7.36
N GLY C 35 26.39 1.11 -8.22
CA GLY C 35 26.74 1.14 -9.63
C GLY C 35 27.99 1.97 -9.87
N LEU C 36 28.20 2.95 -9.01
CA LEU C 36 29.27 3.94 -9.17
C LEU C 36 29.51 4.60 -7.82
N THR C 37 30.74 4.58 -7.33
CA THR C 37 30.99 5.06 -5.96
C THR C 37 30.82 6.56 -5.74
N THR C 38 31.12 7.37 -6.76
CA THR C 38 31.22 8.83 -6.58
C THR C 38 29.91 9.57 -6.90
N ASP C 39 28.88 8.80 -7.19
CA ASP C 39 27.60 9.24 -7.74
C ASP C 39 26.67 9.60 -6.56
N ALA C 40 26.15 10.84 -6.54
CA ALA C 40 25.31 11.30 -5.42
C ALA C 40 24.12 10.38 -5.11
N PHE C 41 23.57 9.73 -6.14
CA PHE C 41 22.51 8.75 -5.93
C PHE C 41 23.00 7.62 -5.03
N TYR C 42 24.14 7.04 -5.35
CA TYR C 42 24.62 5.90 -4.55
C TYR C 42 25.19 6.32 -3.20
N ILE C 43 25.75 7.51 -3.12
CA ILE C 43 26.19 8.07 -1.85
C ILE C 43 24.98 8.24 -0.91
N THR C 44 23.88 8.75 -1.45
CA THR C 44 22.68 8.92 -0.64
C THR C 44 22.08 7.56 -0.26
N MET C 45 22.16 6.60 -1.16
CA MET C 45 21.71 5.25 -0.89
C MET C 45 22.50 4.66 0.27
N HIS C 46 23.82 4.88 0.21
CA HIS C 46 24.72 4.40 1.24
C HIS C 46 24.31 4.99 2.59
N LYS C 47 23.93 6.27 2.64
CA LYS C 47 23.52 6.85 3.92
C LYS C 47 22.30 6.14 4.50
N GLY C 48 21.33 5.85 3.64
CA GLY C 48 20.14 5.14 4.08
C GLY C 48 20.45 3.74 4.58
N ALA C 49 21.33 3.05 3.87
CA ALA C 49 21.74 1.74 4.29
C ALA C 49 22.42 1.77 5.65
N GLU C 50 23.28 2.76 5.91
CA GLU C 50 23.93 2.87 7.21
C GLU C 50 22.92 3.19 8.31
N ALA C 51 21.90 3.99 7.99
CA ALA C 51 20.86 4.29 8.96
C ALA C 51 20.11 3.03 9.37
N ALA C 52 19.71 2.22 8.39
CA ALA C 52 19.03 0.98 8.66
C ALA C 52 19.92 0.03 9.46
N ALA C 53 21.19 -0.05 9.07
CA ALA C 53 22.13 -0.94 9.74
C ALA C 53 22.28 -0.59 11.21
N ALA C 54 22.34 0.71 11.51
CA ALA C 54 22.47 1.15 12.89
C ALA C 54 21.20 0.82 13.66
N ALA C 55 20.05 0.90 12.97
CA ALA C 55 18.77 0.57 13.62
C ALA C 55 18.60 -0.90 13.98
N ILE C 56 19.07 -1.84 13.16
CA ILE C 56 18.89 -3.27 13.48
C ILE C 56 20.19 -4.00 13.81
N GLY C 57 21.27 -3.25 13.95
CA GLY C 57 22.49 -3.80 14.55
C GLY C 57 23.35 -4.58 13.59
N ALA C 58 23.39 -4.15 12.33
CA ALA C 58 24.23 -4.77 11.32
C ALA C 58 25.38 -3.84 10.90
N GLN C 59 26.30 -4.36 10.11
CA GLN C 59 27.42 -3.59 9.54
C GLN C 59 27.35 -3.62 8.04
N ILE C 60 27.68 -2.49 7.42
CA ILE C 60 27.67 -2.36 5.96
C ILE C 60 29.10 -2.45 5.45
N ILE C 61 29.31 -3.28 4.42
CA ILE C 61 30.53 -3.32 3.64
C ILE C 61 30.25 -2.65 2.32
N PHE C 62 30.69 -1.40 2.17
CA PHE C 62 30.42 -0.59 0.99
C PHE C 62 31.63 -0.64 0.08
N GLN C 63 31.48 -1.22 -1.10
N GLN C 63 31.43 -1.09 -1.15
CA GLN C 63 32.58 -1.25 -2.05
CA GLN C 63 32.53 -1.37 -2.06
C GLN C 63 32.05 -1.28 -3.46
C GLN C 63 32.03 -1.31 -3.49
N GLY C 64 32.61 -0.41 -4.30
CA GLY C 64 32.19 -0.25 -5.66
C GLY C 64 33.34 0.16 -6.54
N ALA C 65 33.04 0.23 -7.84
CA ALA C 65 33.96 0.74 -8.85
C ALA C 65 33.73 2.24 -9.09
N PRO C 66 34.76 2.93 -9.60
CA PRO C 66 34.71 4.36 -9.88
C PRO C 66 34.10 4.72 -11.22
N ASP C 67 33.67 3.71 -11.98
CA ASP C 67 32.85 3.95 -13.16
C ASP C 67 31.72 2.95 -13.24
N PHE C 68 30.65 3.36 -13.90
CA PHE C 68 29.45 2.54 -14.03
C PHE C 68 29.67 1.61 -15.22
N ASN C 69 30.15 0.41 -14.94
CA ASN C 69 30.71 -0.42 -15.98
C ASN C 69 30.83 -1.88 -15.48
N PRO C 70 30.17 -2.83 -16.16
CA PRO C 70 30.30 -4.24 -15.73
C PRO C 70 31.75 -4.73 -15.71
N VAL C 71 32.57 -4.21 -16.61
CA VAL C 71 33.95 -4.64 -16.67
C VAL C 71 34.69 -4.38 -15.35
N THR C 72 34.38 -3.26 -14.70
CA THR C 72 35.04 -2.92 -13.43
C THR C 72 34.22 -3.33 -12.20
N GLN C 73 32.91 -3.43 -12.35
CA GLN C 73 32.06 -3.89 -11.23
C GLN C 73 32.30 -5.36 -10.91
N VAL C 74 32.50 -6.20 -11.91
CA VAL C 74 32.56 -7.64 -11.63
C VAL C 74 33.77 -8.00 -10.74
N PRO C 75 34.94 -7.42 -11.00
CA PRO C 75 36.02 -7.76 -10.06
C PRO C 75 35.74 -7.27 -8.63
N VAL C 76 35.02 -6.16 -8.50
CA VAL C 76 34.69 -5.66 -7.18
C VAL C 76 33.76 -6.65 -6.53
N LEU C 77 32.78 -7.15 -7.29
CA LEU C 77 31.89 -8.18 -6.78
C LEU C 77 32.68 -9.41 -6.29
N ASP C 78 33.68 -9.83 -7.06
CA ASP C 78 34.46 -11.01 -6.64
C ASP C 78 35.24 -10.73 -5.35
N ALA C 79 35.71 -9.49 -5.18
CA ALA C 79 36.42 -9.10 -3.99
C ALA C 79 35.47 -9.14 -2.79
N VAL C 80 34.22 -8.74 -3.02
CA VAL C 80 33.24 -8.76 -1.95
C VAL C 80 32.86 -10.21 -1.56
N ILE C 81 32.66 -11.06 -2.54
CA ILE C 81 32.33 -12.47 -2.31
C ILE C 81 33.41 -13.09 -1.43
N ALA C 82 34.67 -12.72 -1.68
CA ALA C 82 35.80 -13.29 -0.92
C ALA C 82 35.74 -12.92 0.56
N LYS C 83 35.07 -11.81 0.87
CA LYS C 83 34.95 -11.32 2.24
C LYS C 83 33.83 -12.05 2.98
N LYS C 84 33.12 -12.92 2.27
CA LYS C 84 32.06 -13.76 2.83
C LYS C 84 31.03 -12.96 3.64
N PRO C 85 30.44 -11.95 2.99
CA PRO C 85 29.35 -11.21 3.63
C PRO C 85 28.14 -12.10 3.90
N ASP C 86 27.29 -11.75 4.86
CA ASP C 86 26.09 -12.52 5.12
C ASP C 86 25.04 -12.28 4.03
N ALA C 87 25.09 -11.12 3.39
CA ALA C 87 24.19 -10.82 2.27
C ALA C 87 24.83 -9.79 1.40
N ILE C 88 24.39 -9.74 0.14
CA ILE C 88 24.86 -8.74 -0.82
C ILE C 88 23.70 -7.93 -1.35
N LEU C 89 23.81 -6.60 -1.25
CA LEU C 89 22.98 -5.67 -2.00
C LEU C 89 23.82 -5.14 -3.16
N ILE C 90 23.30 -5.24 -4.38
CA ILE C 90 24.05 -4.75 -5.54
C ILE C 90 23.14 -4.06 -6.53
N ALA C 91 23.68 -3.00 -7.14
CA ALA C 91 23.06 -2.37 -8.31
C ALA C 91 23.80 -2.85 -9.57
N PRO C 92 23.36 -3.98 -10.16
CA PRO C 92 24.06 -4.49 -11.35
C PRO C 92 24.08 -3.47 -12.48
N THR C 93 25.22 -3.29 -13.11
CA THR C 93 25.38 -2.25 -14.11
C THR C 93 24.92 -2.67 -15.50
N ASP C 94 24.54 -3.94 -15.67
CA ASP C 94 23.96 -4.43 -16.93
C ASP C 94 23.08 -5.65 -16.64
N THR C 95 22.01 -5.81 -17.40
CA THR C 95 21.02 -6.83 -17.07
C THR C 95 21.47 -8.22 -17.46
N THR C 96 22.50 -8.30 -18.32
CA THR C 96 22.97 -9.58 -18.86
C THR C 96 24.36 -9.95 -18.31
N GLN C 97 25.29 -9.00 -18.37
CA GLN C 97 26.68 -9.29 -18.03
C GLN C 97 26.88 -9.55 -16.53
N LEU C 98 25.94 -9.14 -15.67
CA LEU C 98 26.08 -9.39 -14.24
C LEU C 98 25.41 -10.69 -13.77
N VAL C 99 24.75 -11.41 -14.68
CA VAL C 99 24.05 -12.63 -14.27
C VAL C 99 24.99 -13.75 -13.80
N GLN C 100 25.92 -14.17 -14.64
CA GLN C 100 26.81 -15.25 -14.26
C GLN C 100 27.77 -14.82 -13.14
N PRO C 101 28.19 -13.54 -13.15
CA PRO C 101 29.04 -13.16 -12.00
C PRO C 101 28.29 -13.23 -10.67
N LEU C 102 27.03 -12.83 -10.64
CA LEU C 102 26.24 -12.92 -9.42
C LEU C 102 25.86 -14.35 -9.12
N LYS C 103 25.75 -15.19 -10.15
CA LYS C 103 25.46 -16.58 -9.91
C LYS C 103 26.58 -17.21 -9.07
N LYS C 104 27.81 -16.73 -9.22
CA LYS C 104 28.90 -17.22 -8.39
C LYS C 104 28.61 -16.99 -6.90
N ALA C 105 28.08 -15.81 -6.55
CA ALA C 105 27.69 -15.55 -5.17
C ALA C 105 26.54 -16.46 -4.74
N ALA C 106 25.58 -16.69 -5.62
CA ALA C 106 24.48 -17.59 -5.28
C ALA C 106 25.03 -19.01 -5.05
N ASP C 107 25.97 -19.42 -5.90
CA ASP C 107 26.57 -20.75 -5.75
C ASP C 107 27.31 -20.89 -4.43
N ALA C 108 27.82 -19.77 -3.92
CA ALA C 108 28.55 -19.77 -2.65
C ALA C 108 27.61 -19.66 -1.46
N GLY C 109 26.31 -19.60 -1.73
CA GLY C 109 25.31 -19.58 -0.68
C GLY C 109 25.01 -18.20 -0.11
N ILE C 110 25.47 -17.16 -0.80
CA ILE C 110 25.24 -15.79 -0.34
C ILE C 110 23.92 -15.23 -0.87
N PRO C 111 22.98 -14.93 0.03
CA PRO C 111 21.72 -14.36 -0.45
C PRO C 111 21.92 -12.94 -0.94
N MET C 112 21.16 -12.53 -1.94
CA MET C 112 21.31 -11.21 -2.49
C MET C 112 19.99 -10.56 -2.88
N ILE C 113 20.06 -9.24 -2.89
CA ILE C 113 18.98 -8.35 -3.33
C ILE C 113 19.58 -7.38 -4.34
N THR C 114 18.89 -7.11 -5.44
CA THR C 114 19.39 -6.04 -6.32
C THR C 114 18.64 -4.76 -5.96
N VAL C 115 19.44 -3.71 -5.80
CA VAL C 115 18.91 -2.38 -5.51
C VAL C 115 19.13 -1.51 -6.74
N ASP C 116 18.16 -0.63 -7.00
CA ASP C 116 18.17 0.32 -8.13
C ASP C 116 17.94 -0.35 -9.48
N THR C 117 18.87 -1.18 -9.86
CA THR C 117 18.83 -1.90 -11.13
C THR C 117 18.57 -3.38 -10.90
N PHE C 118 18.27 -4.09 -12.01
CA PHE C 118 18.07 -5.53 -11.97
C PHE C 118 18.91 -6.30 -12.99
N ILE C 119 18.98 -7.61 -12.76
CA ILE C 119 19.46 -8.55 -13.76
C ILE C 119 18.25 -9.33 -14.28
N GLY C 120 18.40 -9.95 -15.44
CA GLY C 120 17.30 -10.70 -16.02
C GLY C 120 16.19 -9.74 -16.39
N THR C 121 14.99 -9.99 -15.88
CA THR C 121 13.86 -9.11 -16.08
C THR C 121 13.51 -8.32 -14.83
N GLY C 122 14.19 -8.61 -13.73
CA GLY C 122 13.86 -7.97 -12.47
C GLY C 122 12.73 -8.70 -11.76
N ASP C 123 12.24 -9.79 -12.36
CA ASP C 123 11.26 -10.66 -11.72
C ASP C 123 12.02 -11.82 -11.10
N TYR C 124 12.00 -11.87 -9.78
CA TYR C 124 12.84 -12.82 -9.04
C TYR C 124 11.97 -13.81 -8.28
N GLN C 125 12.56 -14.95 -7.93
CA GLN C 125 11.89 -16.02 -7.18
C GLN C 125 10.62 -16.52 -7.87
N THR C 126 10.61 -16.49 -9.20
CA THR C 126 9.49 -16.98 -10.00
C THR C 126 9.57 -18.47 -10.29
N GLY C 127 10.76 -19.03 -10.16
CA GLY C 127 11.01 -20.42 -10.51
C GLY C 127 11.49 -20.66 -11.94
N ALA C 128 11.62 -19.59 -12.73
CA ALA C 128 12.11 -19.69 -14.10
C ALA C 128 13.00 -18.52 -14.45
N GLY C 129 13.85 -18.71 -15.44
CA GLY C 129 14.74 -17.65 -15.94
C GLY C 129 16.16 -17.78 -15.40
N ASP C 130 17.15 -17.24 -16.12
CA ASP C 130 18.56 -17.36 -15.74
C ASP C 130 19.01 -16.42 -14.62
N GLY C 131 18.23 -15.36 -14.41
CA GLY C 131 18.53 -14.34 -13.40
C GLY C 131 17.43 -14.23 -12.35
N ASP C 132 16.97 -15.40 -11.92
CA ASP C 132 15.81 -15.49 -11.01
C ASP C 132 16.21 -15.56 -9.52
N PHE C 133 17.49 -15.72 -9.25
CA PHE C 133 17.96 -16.14 -7.92
C PHE C 133 18.06 -15.02 -6.86
N PRO C 134 18.12 -13.73 -7.24
CA PRO C 134 18.02 -12.76 -6.15
C PRO C 134 16.70 -12.87 -5.41
N LEU C 135 16.65 -12.37 -4.18
CA LEU C 135 15.45 -12.46 -3.36
C LEU C 135 14.46 -11.35 -3.63
N SER C 136 14.97 -10.20 -4.08
CA SER C 136 14.14 -9.01 -4.19
C SER C 136 14.78 -7.99 -5.09
N TYR C 137 13.92 -7.14 -5.68
CA TYR C 137 14.31 -5.97 -6.46
C TYR C 137 13.70 -4.74 -5.78
N ILE C 138 14.54 -3.85 -5.27
CA ILE C 138 14.12 -2.67 -4.53
C ILE C 138 14.61 -1.44 -5.28
N ALA C 139 13.68 -0.61 -5.75
CA ALA C 139 14.03 0.46 -6.69
C ALA C 139 12.85 1.38 -6.94
N SER C 140 13.11 2.45 -7.68
CA SER C 140 12.02 3.26 -8.22
C SER C 140 11.20 2.44 -9.22
N ASP C 141 9.99 2.92 -9.52
CA ASP C 141 9.22 2.41 -10.66
C ASP C 141 9.73 3.18 -11.87
N ASN C 142 10.70 2.59 -12.57
CA ASN C 142 11.44 3.36 -13.57
C ASN C 142 10.69 3.61 -14.88
N VAL C 143 9.78 2.72 -15.26
CA VAL C 143 8.88 3.02 -16.37
C VAL C 143 8.02 4.25 -16.01
N LEU C 144 7.41 4.24 -14.84
CA LEU C 144 6.65 5.41 -14.36
C LEU C 144 7.50 6.68 -14.34
N GLY C 145 8.75 6.57 -13.92
CA GLY C 145 9.65 7.71 -13.94
C GLY C 145 9.77 8.32 -15.33
N GLY C 146 9.86 7.49 -16.35
CA GLY C 146 9.93 8.01 -17.70
C GLY C 146 8.63 8.67 -18.12
N GLU C 147 7.51 8.07 -17.71
CA GLU C 147 6.21 8.63 -18.03
C GLU C 147 6.05 10.00 -17.38
N ILE C 148 6.51 10.11 -16.13
CA ILE C 148 6.44 11.39 -15.41
C ILE C 148 7.33 12.43 -16.11
N ALA C 149 8.51 11.99 -16.53
CA ALA C 149 9.45 12.87 -17.21
C ALA C 149 8.84 13.39 -18.51
N ALA C 150 8.11 12.53 -19.21
CA ALA C 150 7.48 12.94 -20.46
C ALA C 150 6.37 13.96 -20.22
N ARG C 151 5.53 13.71 -19.22
CA ARG C 151 4.44 14.65 -18.93
C ARG C 151 5.03 16.00 -18.51
N SER C 152 6.11 15.95 -17.74
CA SER C 152 6.76 17.19 -17.29
C SER C 152 7.37 17.98 -18.46
N LEU C 153 8.08 17.28 -19.33
CA LEU C 153 8.68 17.96 -20.47
C LEU C 153 7.62 18.50 -21.41
N ALA C 154 6.54 17.75 -21.60
CA ALA C 154 5.43 18.21 -22.43
C ALA C 154 4.84 19.50 -21.87
N LEU C 155 4.67 19.58 -20.57
CA LEU C 155 4.21 20.84 -19.95
C LEU C 155 5.19 21.97 -20.23
N ALA C 156 6.46 21.72 -19.97
CA ALA C 156 7.50 22.73 -20.14
C ALA C 156 7.55 23.31 -21.55
N ILE C 157 7.34 22.46 -22.57
CA ILE C 157 7.44 22.94 -23.96
C ILE C 157 6.07 23.33 -24.56
N GLY C 158 5.03 23.41 -23.74
CA GLY C 158 3.71 23.77 -24.26
C GLY C 158 3.11 22.75 -25.18
N ASP C 159 3.54 21.51 -24.98
CA ASP C 159 2.94 20.33 -25.60
C ASP C 159 3.13 20.24 -27.11
N LYS C 160 4.20 20.87 -27.58
CA LYS C 160 4.54 20.87 -29.00
C LYS C 160 6.05 20.94 -29.16
N GLY C 161 6.59 20.23 -30.16
CA GLY C 161 7.97 20.42 -30.58
C GLY C 161 8.82 19.18 -30.52
N LYS C 162 10.06 19.34 -30.97
CA LYS C 162 11.06 18.29 -31.02
C LYS C 162 11.72 18.10 -29.67
N VAL C 163 11.81 16.84 -29.24
CA VAL C 163 12.53 16.50 -28.02
C VAL C 163 13.38 15.28 -28.28
N TYR C 164 14.29 14.96 -27.38
CA TYR C 164 14.95 13.67 -27.39
C TYR C 164 15.37 13.26 -25.99
N VAL C 165 15.68 11.97 -25.86
CA VAL C 165 16.21 11.39 -24.63
C VAL C 165 17.73 11.32 -24.68
N SER C 166 18.36 11.94 -23.68
CA SER C 166 19.79 11.80 -23.40
C SER C 166 19.95 10.65 -22.43
N ASN C 167 20.62 9.59 -22.86
CA ASN C 167 20.62 8.35 -22.07
C ASN C 167 22.01 7.77 -21.97
N VAL C 168 22.17 6.74 -21.14
CA VAL C 168 23.48 6.21 -20.75
C VAL C 168 23.98 5.18 -21.76
N LYS C 169 23.37 4.00 -21.75
CA LYS C 169 23.77 2.89 -22.61
C LYS C 169 22.68 1.82 -22.59
N PRO C 170 22.37 1.18 -23.74
CA PRO C 170 21.39 0.10 -23.68
C PRO C 170 21.85 -1.02 -22.76
N GLY C 171 20.91 -1.60 -22.02
CA GLY C 171 21.24 -2.74 -21.17
C GLY C 171 21.28 -2.41 -19.70
N VAL C 172 21.27 -1.12 -19.39
CA VAL C 172 21.14 -0.66 -18.00
C VAL C 172 19.62 -0.66 -17.71
N SER C 173 19.18 -1.44 -16.73
CA SER C 173 17.75 -1.68 -16.59
C SER C 173 16.94 -0.41 -16.35
N THR C 174 17.46 0.47 -15.49
CA THR C 174 16.77 1.66 -15.03
C THR C 174 16.55 2.63 -16.18
N THR C 175 17.65 2.94 -16.86
CA THR C 175 17.59 3.94 -17.88
C THR C 175 16.93 3.42 -19.16
N ASP C 176 17.03 2.12 -19.43
CA ASP C 176 16.22 1.54 -20.48
C ASP C 176 14.73 1.74 -20.18
N GLN C 177 14.31 1.49 -18.94
CA GLN C 177 12.90 1.59 -18.59
C GLN C 177 12.40 3.05 -18.60
N ARG C 178 13.28 3.98 -18.24
CA ARG C 178 12.90 5.38 -18.24
C ARG C 178 12.67 5.81 -19.68
N GLU C 179 13.54 5.35 -20.56
CA GLU C 179 13.43 5.71 -21.98
C GLU C 179 12.13 5.11 -22.52
N GLN C 180 11.84 3.86 -22.13
CA GLN C 180 10.62 3.19 -22.61
C GLN C 180 9.39 3.95 -22.17
N GLY C 181 9.36 4.27 -20.88
CA GLY C 181 8.24 5.02 -20.30
C GLY C 181 8.05 6.39 -20.93
N PHE C 182 9.16 7.08 -21.14
CA PHE C 182 9.14 8.37 -21.81
C PHE C 182 8.53 8.25 -23.21
N LYS C 183 8.99 7.29 -24.00
CA LYS C 183 8.49 7.19 -25.37
C LYS C 183 7.05 6.72 -25.42
N SER C 184 6.64 5.84 -24.51
CA SER C 184 5.24 5.40 -24.50
C SER C 184 4.33 6.56 -24.13
N GLU C 185 4.75 7.40 -23.18
CA GLU C 185 3.93 8.54 -22.78
C GLU C 185 3.91 9.61 -23.86
N MET C 186 5.02 9.86 -24.52
CA MET C 186 5.03 10.90 -25.54
C MET C 186 4.18 10.51 -26.75
N ALA C 187 4.01 9.20 -26.97
CA ALA C 187 3.05 8.73 -27.97
C ALA C 187 1.64 9.28 -27.78
N LYS C 188 1.33 9.77 -26.58
CA LYS C 188 0.03 10.38 -26.30
C LYS C 188 -0.05 11.89 -26.61
N HIS C 189 1.06 12.45 -27.09
CA HIS C 189 1.22 13.89 -27.31
C HIS C 189 1.56 14.15 -28.77
N PRO C 190 0.53 14.27 -29.62
CA PRO C 190 0.75 14.28 -31.07
C PRO C 190 1.46 15.50 -31.61
N GLY C 191 1.58 16.55 -30.80
CA GLY C 191 2.32 17.73 -31.23
C GLY C 191 3.83 17.62 -31.01
N ILE C 192 4.23 16.59 -30.29
CA ILE C 192 5.64 16.36 -29.93
C ILE C 192 6.28 15.30 -30.83
N THR C 193 7.48 15.60 -31.28
CA THR C 193 8.27 14.67 -32.10
C THR C 193 9.43 14.21 -31.27
N VAL C 194 9.62 12.90 -31.15
CA VAL C 194 10.75 12.35 -30.40
C VAL C 194 11.86 11.96 -31.34
N LEU C 195 12.96 12.70 -31.28
CA LEU C 195 14.12 12.41 -32.09
C LEU C 195 14.91 11.23 -31.50
N GLU C 196 15.95 10.81 -32.19
CA GLU C 196 16.70 9.62 -31.78
C GLU C 196 17.42 9.82 -30.44
N THR C 197 17.40 8.78 -29.61
CA THR C 197 18.10 8.79 -28.33
C THR C 197 19.60 8.93 -28.51
N GLN C 198 20.23 9.82 -27.71
CA GLN C 198 21.67 10.01 -27.71
C GLN C 198 22.26 9.34 -26.48
N PHE C 199 23.20 8.41 -26.69
CA PHE C 199 23.79 7.64 -25.60
C PHE C 199 25.18 8.19 -25.28
N ASN C 200 25.37 8.51 -24.00
CA ASN C 200 26.58 9.21 -23.56
C ASN C 200 27.55 8.37 -22.72
N ASP C 201 27.25 7.08 -22.49
CA ASP C 201 28.13 6.22 -21.68
C ASP C 201 28.34 6.76 -20.27
N ASN C 202 27.34 7.47 -19.77
CA ASN C 202 27.31 8.07 -18.43
C ASN C 202 28.25 9.27 -18.24
N ASP C 203 28.69 9.84 -19.36
CA ASP C 203 29.65 10.94 -19.38
C ASP C 203 28.94 12.25 -19.68
N ALA C 204 28.91 13.14 -18.69
CA ALA C 204 28.16 14.38 -18.83
C ALA C 204 28.70 15.23 -19.97
N ASN C 205 30.03 15.27 -20.10
CA ASN C 205 30.62 16.09 -21.15
C ASN C 205 30.19 15.56 -22.52
N LYS C 206 30.05 14.25 -22.68
CA LYS C 206 29.58 13.69 -23.93
C LYS C 206 28.13 14.11 -24.17
N ALA C 207 27.32 14.01 -23.13
CA ALA C 207 25.92 14.42 -23.22
C ALA C 207 25.82 15.89 -23.68
N ALA C 208 26.73 16.73 -23.19
CA ALA C 208 26.73 18.15 -23.54
C ALA C 208 27.04 18.32 -25.01
N SER C 209 28.02 17.56 -25.50
CA SER C 209 28.46 17.66 -26.90
C SER C 209 27.36 17.13 -27.82
N GLN C 210 26.60 16.13 -27.36
CA GLN C 210 25.47 15.60 -28.14
C GLN C 210 24.31 16.57 -28.23
N LEU C 211 24.01 17.26 -27.13
CA LEU C 211 23.02 18.36 -27.17
C LEU C 211 23.40 19.38 -28.24
N GLN C 212 24.66 19.78 -28.22
CA GLN C 212 25.13 20.73 -29.23
C GLN C 212 24.93 20.18 -30.63
N ALA C 213 25.17 18.89 -30.86
CA ALA C 213 25.03 18.35 -32.20
C ALA C 213 23.56 18.31 -32.60
N VAL C 214 22.68 17.89 -31.70
CA VAL C 214 21.28 17.78 -32.04
C VAL C 214 20.68 19.17 -32.30
N TYR C 215 21.10 20.15 -31.51
CA TYR C 215 20.61 21.52 -31.66
C TYR C 215 21.10 22.14 -32.95
N ALA C 216 22.34 21.86 -33.32
CA ALA C 216 22.89 22.36 -34.56
C ALA C 216 22.13 21.79 -35.76
N ARG C 217 21.79 20.50 -35.72
CA ARG C 217 20.98 19.89 -36.77
C ARG C 217 19.50 20.27 -36.71
N ASN C 218 19.05 20.67 -35.51
CA ASN C 218 17.65 21.00 -35.24
C ASN C 218 17.53 22.31 -34.46
N PRO C 219 17.64 23.45 -35.15
CA PRO C 219 17.62 24.72 -34.41
C PRO C 219 16.29 25.01 -33.74
N ASP C 220 15.24 24.27 -34.12
CA ASP C 220 13.95 24.36 -33.47
C ASP C 220 13.77 23.35 -32.33
N LEU C 221 14.86 22.72 -31.88
CA LEU C 221 14.77 21.78 -30.74
C LEU C 221 14.04 22.43 -29.57
N ALA C 222 13.06 21.72 -29.01
CA ALA C 222 12.24 22.31 -27.91
C ALA C 222 12.68 21.84 -26.53
N GLY C 223 13.17 20.62 -26.42
CA GLY C 223 13.59 20.13 -25.13
C GLY C 223 14.30 18.80 -25.12
N VAL C 224 14.79 18.46 -23.94
CA VAL C 224 15.57 17.25 -23.76
C VAL C 224 15.25 16.65 -22.39
N PHE C 225 15.22 15.31 -22.36
CA PHE C 225 15.06 14.54 -21.13
C PHE C 225 16.34 13.82 -20.85
N GLY C 226 17.00 14.15 -19.75
CA GLY C 226 18.19 13.42 -19.34
C GLY C 226 17.80 12.31 -18.38
N ALA C 227 18.00 11.06 -18.79
CA ALA C 227 17.40 9.93 -18.11
C ALA C 227 18.13 9.49 -16.83
N ASN C 228 19.24 10.12 -16.48
CA ASN C 228 19.85 9.94 -15.17
C ASN C 228 20.65 11.18 -14.84
N LEU C 229 21.23 11.17 -13.66
CA LEU C 229 21.92 12.33 -13.13
C LEU C 229 22.88 12.93 -14.17
N PHE C 230 23.79 12.12 -14.67
CA PHE C 230 24.84 12.63 -15.55
C PHE C 230 24.28 13.04 -16.91
N SER C 231 23.26 12.35 -17.41
CA SER C 231 22.68 12.71 -18.70
C SER C 231 22.01 14.07 -18.57
N GLY C 232 21.32 14.26 -17.45
CA GLY C 232 20.65 15.52 -17.16
C GLY C 232 21.59 16.68 -16.97
N LEU C 233 22.63 16.46 -16.18
CA LEU C 233 23.59 17.49 -15.90
C LEU C 233 24.32 17.91 -17.18
N GLY C 234 24.75 16.92 -17.95
CA GLY C 234 25.47 17.19 -19.17
C GLY C 234 24.59 17.85 -20.22
N SER C 235 23.35 17.39 -20.36
CA SER C 235 22.45 18.04 -21.31
C SER C 235 22.20 19.49 -20.92
N ALA C 236 21.92 19.73 -19.64
CA ALA C 236 21.77 21.10 -19.13
C ALA C 236 23.00 21.96 -19.40
N ASN C 237 24.18 21.39 -19.16
CA ASN C 237 25.42 22.13 -19.40
C ASN C 237 25.57 22.47 -20.88
N GLY C 238 25.18 21.54 -21.74
CA GLY C 238 25.19 21.79 -23.17
C GLY C 238 24.28 22.94 -23.56
N VAL C 239 23.05 22.94 -23.05
CA VAL C 239 22.10 23.99 -23.32
C VAL C 239 22.67 25.34 -22.87
N GLN C 240 23.26 25.35 -21.68
CA GLN C 240 23.83 26.58 -21.11
C GLN C 240 24.97 27.09 -22.01
N GLN C 241 25.85 26.19 -22.42
CA GLN C 241 27.02 26.55 -23.22
C GLN C 241 26.59 27.07 -24.57
N ALA C 242 25.49 26.53 -25.09
CA ALA C 242 24.95 26.97 -26.37
C ALA C 242 24.19 28.30 -26.29
N GLY C 243 24.08 28.85 -25.09
CA GLY C 243 23.41 30.13 -24.90
C GLY C 243 21.90 30.00 -24.92
N GLN C 244 21.38 28.80 -24.68
CA GLN C 244 19.94 28.55 -24.82
C GLN C 244 19.22 28.23 -23.50
N SER C 245 19.79 28.60 -22.36
CA SER C 245 19.12 28.35 -21.10
C SER C 245 17.71 28.95 -21.12
N GLY C 246 16.71 28.17 -20.73
CA GLY C 246 15.33 28.65 -20.64
C GLY C 246 14.58 28.54 -21.94
N THR C 247 15.31 28.40 -23.04
CA THR C 247 14.71 28.25 -24.36
C THR C 247 14.56 26.79 -24.78
N ILE C 248 15.66 26.04 -24.70
CA ILE C 248 15.57 24.58 -24.81
C ILE C 248 15.28 24.05 -23.40
N LYS C 249 14.08 23.52 -23.20
CA LYS C 249 13.70 23.06 -21.89
C LYS C 249 14.40 21.74 -21.53
N VAL C 250 14.73 21.61 -20.24
CA VAL C 250 15.37 20.42 -19.73
C VAL C 250 14.57 19.78 -18.58
N VAL C 251 14.31 18.49 -18.71
CA VAL C 251 13.84 17.69 -17.59
C VAL C 251 14.94 16.72 -17.24
N ALA C 252 15.38 16.78 -15.99
CA ALA C 252 16.50 15.98 -15.54
C ALA C 252 16.08 14.94 -14.53
N PHE C 253 16.48 13.69 -14.76
CA PHE C 253 16.32 12.68 -13.72
C PHE C 253 17.37 12.87 -12.65
N ASP C 254 16.99 12.53 -11.41
CA ASP C 254 17.82 12.65 -10.22
C ASP C 254 17.95 14.09 -9.74
N ALA C 255 18.41 14.26 -8.51
CA ALA C 255 18.37 15.55 -7.82
C ALA C 255 19.65 15.82 -7.04
N PRO C 256 20.76 15.96 -7.76
CA PRO C 256 22.00 16.40 -7.13
C PRO C 256 21.81 17.82 -6.59
N GLY C 257 22.69 18.25 -5.72
CA GLY C 257 22.55 19.58 -5.14
C GLY C 257 22.46 20.70 -6.15
N SER C 258 23.02 20.49 -7.34
CA SER C 258 23.02 21.51 -8.38
C SER C 258 21.63 21.84 -8.92
N VAL C 259 20.61 21.04 -8.58
CA VAL C 259 19.24 21.34 -9.07
C VAL C 259 18.69 22.63 -8.48
N VAL C 260 19.15 23.02 -7.28
CA VAL C 260 18.68 24.26 -6.69
C VAL C 260 19.03 25.43 -7.61
N ASP C 261 20.30 25.61 -7.93
CA ASP C 261 20.73 26.70 -8.81
C ASP C 261 20.14 26.57 -10.21
N ASN C 262 20.11 25.35 -10.73
CA ASN C 262 19.65 25.15 -12.11
C ASN C 262 18.13 25.33 -12.27
N LEU C 263 17.35 24.97 -11.24
CA LEU C 263 15.94 25.31 -11.27
C LEU C 263 15.72 26.80 -11.14
N LYS C 264 16.44 27.43 -10.23
CA LYS C 264 16.28 28.87 -9.99
C LYS C 264 16.61 29.69 -11.25
N SER C 265 17.62 29.25 -12.00
CA SER C 265 18.07 30.01 -13.16
C SER C 265 17.22 29.77 -14.41
N GLY C 266 16.36 28.77 -14.37
CA GLY C 266 15.57 28.37 -15.53
C GLY C 266 16.28 27.39 -16.47
N LEU C 267 17.50 26.98 -16.12
CA LEU C 267 18.23 26.06 -16.99
C LEU C 267 17.54 24.70 -17.05
N ILE C 268 17.00 24.25 -15.92
CA ILE C 268 16.16 23.05 -15.94
C ILE C 268 14.77 23.40 -15.39
N ASP C 269 13.74 22.73 -15.88
CA ASP C 269 12.37 23.02 -15.48
C ASP C 269 11.88 22.07 -14.40
N PHE C 270 12.34 20.81 -14.47
CA PHE C 270 11.94 19.78 -13.50
C PHE C 270 13.11 18.87 -13.22
N ALA C 271 13.26 18.49 -11.96
CA ALA C 271 14.17 17.41 -11.58
C ALA C 271 13.34 16.33 -10.96
N ILE C 272 13.51 15.09 -11.41
CA ILE C 272 12.72 13.97 -10.89
C ILE C 272 13.60 13.26 -9.90
N ALA C 273 13.37 13.52 -8.61
CA ALA C 273 14.19 12.92 -7.58
C ALA C 273 13.72 11.51 -7.29
N GLN C 274 14.63 10.55 -7.32
CA GLN C 274 14.37 9.27 -6.70
C GLN C 274 14.55 9.41 -5.18
N HIS C 275 14.32 8.29 -4.46
CA HIS C 275 14.50 8.21 -3.03
C HIS C 275 15.62 7.19 -2.71
N PRO C 276 16.87 7.52 -3.05
CA PRO C 276 17.94 6.54 -2.84
C PRO C 276 18.09 6.10 -1.40
N ALA C 277 17.88 7.00 -0.43
CA ALA C 277 18.07 6.58 0.95
C ALA C 277 17.07 5.50 1.30
N GLU C 278 15.85 5.62 0.76
CA GLU C 278 14.77 4.70 1.00
C GLU C 278 15.13 3.33 0.41
N ILE C 279 15.71 3.36 -0.78
CA ILE C 279 16.17 2.14 -1.43
C ILE C 279 17.22 1.43 -0.57
N GLY C 280 18.21 2.17 -0.10
CA GLY C 280 19.27 1.61 0.73
C GLY C 280 18.71 1.08 2.05
N TYR C 281 17.84 1.87 2.66
CA TYR C 281 17.24 1.50 3.92
C TYR C 281 16.45 0.18 3.82
N TYR C 282 15.56 0.09 2.83
CA TYR C 282 14.77 -1.12 2.71
C TYR C 282 15.60 -2.32 2.22
N GLY C 283 16.68 -2.05 1.50
CA GLY C 283 17.56 -3.13 1.12
C GLY C 283 18.15 -3.78 2.36
N VAL C 284 18.63 -2.96 3.29
CA VAL C 284 19.29 -3.46 4.49
C VAL C 284 18.28 -4.12 5.38
N ILE C 285 17.13 -3.47 5.59
CA ILE C 285 16.06 -4.12 6.35
C ILE C 285 15.66 -5.48 5.79
N SER C 286 15.50 -5.55 4.47
CA SER C 286 15.08 -6.79 3.82
C SER C 286 16.13 -7.88 3.95
N ALA C 287 17.40 -7.51 3.82
CA ALA C 287 18.48 -8.47 4.03
C ALA C 287 18.47 -9.00 5.46
N TYR C 288 18.34 -8.10 6.44
CA TYR C 288 18.24 -8.47 7.83
C TYR C 288 17.06 -9.41 8.06
N ALA C 289 15.91 -9.03 7.51
CA ALA C 289 14.72 -9.84 7.69
C ALA C 289 14.96 -11.25 7.16
N HIS C 290 15.50 -11.36 5.95
CA HIS C 290 15.80 -12.66 5.38
C HIS C 290 16.75 -13.45 6.27
N LEU C 291 17.78 -12.77 6.80
CA LEU C 291 18.81 -13.46 7.57
C LEU C 291 18.28 -13.96 8.92
N THR C 292 17.12 -13.45 9.30
CA THR C 292 16.50 -13.79 10.59
C THR C 292 15.20 -14.54 10.41
N GLY C 293 15.03 -15.16 9.25
CA GLY C 293 13.97 -16.13 9.04
C GLY C 293 12.68 -15.61 8.44
N GLN C 294 12.65 -14.31 8.15
CA GLN C 294 11.46 -13.63 7.67
C GLN C 294 11.35 -13.68 6.14
N SER C 295 10.18 -13.96 5.58
CA SER C 295 10.01 -13.80 4.13
C SER C 295 10.00 -12.31 3.76
N ILE C 296 10.47 -11.99 2.56
CA ILE C 296 10.47 -10.60 2.09
C ILE C 296 9.82 -10.49 0.69
N PRO C 297 9.29 -9.30 0.37
CA PRO C 297 8.66 -9.14 -0.94
C PRO C 297 9.67 -9.20 -2.08
N THR C 298 9.27 -9.74 -3.21
CA THR C 298 10.19 -9.82 -4.34
C THR C 298 10.37 -8.49 -5.03
N LYS C 299 9.56 -7.49 -4.70
CA LYS C 299 9.72 -6.14 -5.24
C LYS C 299 9.26 -5.15 -4.18
N ILE C 300 10.04 -4.09 -4.04
CA ILE C 300 9.62 -2.93 -3.29
C ILE C 300 9.88 -1.71 -4.17
N GLY C 301 8.83 -0.94 -4.42
CA GLY C 301 8.95 0.22 -5.28
C GLY C 301 8.96 1.47 -4.47
N THR C 302 10.04 2.24 -4.59
CA THR C 302 10.18 3.48 -3.87
C THR C 302 9.73 4.63 -4.77
N GLY C 303 9.38 5.76 -4.16
CA GLY C 303 8.69 6.83 -4.86
C GLY C 303 9.55 7.90 -5.50
N PHE C 304 8.87 8.81 -6.17
CA PHE C 304 9.50 10.01 -6.72
C PHE C 304 9.06 11.26 -5.99
N THR C 305 9.90 12.28 -6.09
CA THR C 305 9.57 13.63 -5.68
C THR C 305 9.91 14.53 -6.86
N VAL C 306 8.89 15.17 -7.44
CA VAL C 306 9.09 16.04 -8.57
C VAL C 306 9.43 17.42 -8.08
N ILE C 307 10.60 17.93 -8.46
CA ILE C 307 11.09 19.20 -7.96
C ILE C 307 11.06 20.23 -9.09
N ASN C 308 10.47 21.39 -8.81
CA ASN C 308 10.40 22.47 -9.78
C ASN C 308 10.84 23.77 -9.12
N LYS C 309 10.85 24.86 -9.89
CA LYS C 309 11.36 26.14 -9.43
C LYS C 309 10.59 26.66 -8.23
N SER C 310 9.30 26.36 -8.18
CA SER C 310 8.44 26.87 -7.13
C SER C 310 8.52 26.06 -5.85
N ASN C 311 8.73 24.76 -5.95
CA ASN C 311 8.63 23.93 -4.73
C ASN C 311 9.98 23.49 -4.17
N VAL C 312 11.07 23.85 -4.83
CA VAL C 312 12.40 23.45 -4.37
C VAL C 312 12.77 24.04 -3.00
N THR C 313 12.12 25.13 -2.61
CA THR C 313 12.36 25.71 -1.29
C THR C 313 11.44 25.18 -0.21
N ASP C 314 10.46 24.37 -0.58
CA ASP C 314 9.58 23.72 0.40
C ASP C 314 10.36 22.61 1.11
N PRO C 315 10.50 22.72 2.45
CA PRO C 315 11.33 21.72 3.13
C PRO C 315 10.93 20.27 2.88
N ALA C 316 9.63 20.01 2.65
CA ALA C 316 9.16 18.66 2.41
C ALA C 316 9.63 18.12 1.07
N VAL C 317 10.03 19.02 0.17
CA VAL C 317 10.58 18.66 -1.14
C VAL C 317 12.10 18.66 -1.09
N ALA C 318 12.68 19.71 -0.50
CA ALA C 318 14.13 19.88 -0.48
C ALA C 318 14.84 18.74 0.26
N ARG C 319 14.13 18.09 1.18
CA ARG C 319 14.70 17.02 1.95
C ARG C 319 15.10 15.87 1.06
N PHE C 320 14.59 15.84 -0.17
CA PHE C 320 14.92 14.77 -1.12
C PHE C 320 16.07 15.08 -2.10
N ILE C 321 16.61 16.29 -2.05
CA ILE C 321 17.83 16.60 -2.79
C ILE C 321 18.96 15.70 -2.28
N TYR C 322 19.74 15.13 -3.19
CA TYR C 322 20.74 14.15 -2.84
C TYR C 322 21.90 14.75 -2.06
N ALA C 323 22.59 13.90 -1.33
CA ALA C 323 23.81 14.31 -0.65
C ALA C 323 24.81 14.97 -1.61
N GLU C 324 25.54 15.97 -1.13
CA GLU C 324 26.49 16.65 -1.99
C GLU C 324 27.79 16.92 -1.25
N LYS D 27 -20.90 9.58 -3.17
CA LYS D 27 -21.18 8.79 -4.37
C LYS D 27 -22.45 9.30 -5.07
N PHE D 28 -22.55 9.07 -6.38
CA PHE D 28 -23.83 9.32 -7.04
C PHE D 28 -24.86 8.27 -6.64
N ARG D 29 -26.08 8.72 -6.40
CA ARG D 29 -27.23 7.85 -6.12
C ARG D 29 -28.11 7.74 -7.36
N ILE D 30 -28.15 6.55 -7.94
CA ILE D 30 -28.89 6.27 -9.15
C ILE D 30 -30.06 5.36 -8.81
N ALA D 31 -31.27 5.88 -9.01
CA ALA D 31 -32.46 5.08 -8.78
C ALA D 31 -32.70 4.14 -9.94
N LEU D 32 -33.18 2.96 -9.61
CA LEU D 32 -33.62 1.99 -10.62
C LEU D 32 -35.03 1.58 -10.27
N ILE D 33 -35.96 1.92 -11.15
CA ILE D 33 -37.38 1.63 -10.96
C ILE D 33 -37.78 0.61 -12.00
N PRO D 34 -37.88 -0.66 -11.59
CA PRO D 34 -38.25 -1.70 -12.54
C PRO D 34 -39.73 -1.65 -12.87
N GLY D 35 -40.14 -2.43 -13.85
CA GLY D 35 -41.54 -2.55 -14.18
C GLY D 35 -42.26 -3.40 -13.15
N LEU D 36 -41.52 -4.32 -12.52
CA LEU D 36 -42.08 -5.33 -11.60
C LEU D 36 -40.94 -5.87 -10.74
N THR D 37 -41.02 -5.73 -9.41
CA THR D 37 -39.89 -6.10 -8.56
C THR D 37 -39.57 -7.60 -8.51
N THR D 38 -40.60 -8.45 -8.64
CA THR D 38 -40.45 -9.90 -8.40
C THR D 38 -40.14 -10.72 -9.68
N ASP D 39 -39.98 -10.00 -10.78
CA ASP D 39 -39.80 -10.51 -12.14
C ASP D 39 -38.31 -10.81 -12.39
N ALA D 40 -37.99 -12.05 -12.76
CA ALA D 40 -36.58 -12.45 -12.97
C ALA D 40 -35.83 -11.54 -13.96
N PHE D 41 -36.55 -10.99 -14.93
CA PHE D 41 -35.93 -10.05 -15.87
C PHE D 41 -35.38 -8.83 -15.11
N TYR D 42 -36.21 -8.21 -14.28
CA TYR D 42 -35.76 -7.01 -13.59
C TYR D 42 -34.80 -7.31 -12.44
N ILE D 43 -34.92 -8.48 -11.84
CA ILE D 43 -33.99 -8.90 -10.78
C ILE D 43 -32.60 -9.04 -11.41
N THR D 44 -32.53 -9.61 -12.61
CA THR D 44 -31.25 -9.80 -13.28
C THR D 44 -30.70 -8.45 -13.75
N MET D 45 -31.59 -7.56 -14.16
CA MET D 45 -31.21 -6.20 -14.53
C MET D 45 -30.61 -5.48 -13.31
N HIS D 46 -31.24 -5.67 -12.18
CA HIS D 46 -30.75 -5.06 -10.94
C HIS D 46 -29.33 -5.54 -10.62
N LYS D 47 -29.03 -6.82 -10.88
CA LYS D 47 -27.71 -7.34 -10.59
C LYS D 47 -26.67 -6.67 -11.50
N GLY D 48 -27.03 -6.50 -12.76
CA GLY D 48 -26.17 -5.81 -13.71
C GLY D 48 -25.90 -4.38 -13.30
N ALA D 49 -26.96 -3.70 -12.88
CA ALA D 49 -26.81 -2.34 -12.37
C ALA D 49 -25.87 -2.27 -11.17
N GLU D 50 -26.00 -3.19 -10.22
CA GLU D 50 -25.14 -3.15 -9.03
C GLU D 50 -23.69 -3.39 -9.41
N ALA D 51 -23.47 -4.25 -10.41
CA ALA D 51 -22.12 -4.55 -10.84
C ALA D 51 -21.44 -3.32 -11.44
N ALA D 52 -22.17 -2.60 -12.30
CA ALA D 52 -21.67 -1.37 -12.89
C ALA D 52 -21.48 -0.32 -11.81
N ALA D 53 -22.39 -0.26 -10.85
CA ALA D 53 -22.29 0.72 -9.77
C ALA D 53 -21.02 0.51 -8.96
N ALA D 54 -20.69 -0.73 -8.66
CA ALA D 54 -19.50 -1.04 -7.91
C ALA D 54 -18.25 -0.66 -8.71
N ALA D 55 -18.32 -0.84 -10.01
CA ALA D 55 -17.19 -0.58 -10.90
C ALA D 55 -16.86 0.90 -11.02
N ILE D 56 -17.87 1.78 -11.06
CA ILE D 56 -17.58 3.22 -11.15
C ILE D 56 -17.91 4.01 -9.89
N GLY D 57 -18.31 3.32 -8.82
CA GLY D 57 -18.39 3.92 -7.50
C GLY D 57 -19.67 4.66 -7.18
N ALA D 58 -20.78 4.16 -7.70
CA ALA D 58 -22.08 4.73 -7.43
C ALA D 58 -22.90 3.80 -6.53
N GLN D 59 -24.06 4.28 -6.13
CA GLN D 59 -25.03 3.54 -5.32
C GLN D 59 -26.33 3.42 -6.07
N ILE D 60 -26.94 2.24 -6.02
CA ILE D 60 -28.25 2.02 -6.61
C ILE D 60 -29.35 2.13 -5.56
N ILE D 61 -30.40 2.89 -5.90
CA ILE D 61 -31.63 2.92 -5.10
C ILE D 61 -32.67 2.14 -5.88
N PHE D 62 -32.91 0.89 -5.48
CA PHE D 62 -33.84 0.03 -6.19
C PHE D 62 -35.23 0.06 -5.56
N GLN D 63 -36.20 0.51 -6.34
CA GLN D 63 -37.53 0.70 -5.78
C GLN D 63 -38.58 0.51 -6.87
N GLY D 64 -39.53 -0.38 -6.62
CA GLY D 64 -40.59 -0.64 -7.56
C GLY D 64 -41.83 -1.25 -6.94
N ALA D 65 -42.82 -1.53 -7.79
CA ALA D 65 -44.09 -2.11 -7.35
C ALA D 65 -44.11 -3.60 -7.64
N PRO D 66 -44.95 -4.35 -6.90
CA PRO D 66 -45.08 -5.80 -7.05
C PRO D 66 -46.05 -6.23 -8.18
N ASP D 67 -46.60 -5.28 -8.93
CA ASP D 67 -47.28 -5.58 -10.19
C ASP D 67 -46.83 -4.60 -11.28
N PHE D 68 -46.97 -5.02 -12.54
CA PHE D 68 -46.58 -4.25 -13.71
C PHE D 68 -47.77 -3.37 -14.11
N ASN D 69 -47.78 -2.14 -13.59
CA ASN D 69 -48.98 -1.34 -13.70
C ASN D 69 -48.70 0.12 -13.34
N PRO D 70 -49.08 1.06 -14.22
CA PRO D 70 -48.93 2.49 -13.87
C PRO D 70 -49.65 2.87 -12.59
N VAL D 71 -50.74 2.18 -12.28
CA VAL D 71 -51.51 2.46 -11.06
C VAL D 71 -50.61 2.43 -9.83
N THR D 72 -49.65 1.52 -9.83
CA THR D 72 -48.78 1.37 -8.67
C THR D 72 -47.38 1.92 -8.96
N GLN D 73 -46.94 1.90 -10.22
CA GLN D 73 -45.63 2.45 -10.56
C GLN D 73 -45.56 3.96 -10.34
N VAL D 74 -46.61 4.69 -10.65
CA VAL D 74 -46.53 6.15 -10.55
C VAL D 74 -46.33 6.57 -9.10
N PRO D 75 -47.07 5.96 -8.14
CA PRO D 75 -46.78 6.32 -6.76
C PRO D 75 -45.33 6.03 -6.33
N VAL D 76 -44.74 4.96 -6.85
CA VAL D 76 -43.35 4.64 -6.50
C VAL D 76 -42.43 5.72 -7.08
N LEU D 77 -42.69 6.07 -8.31
CA LEU D 77 -41.92 7.13 -8.97
C LEU D 77 -41.97 8.44 -8.19
N ASP D 78 -43.16 8.83 -7.73
CA ASP D 78 -43.31 10.08 -6.98
C ASP D 78 -42.47 10.05 -5.72
N ALA D 79 -42.43 8.89 -5.07
CA ALA D 79 -41.69 8.74 -3.82
C ALA D 79 -40.22 8.89 -4.11
N VAL D 80 -39.79 8.30 -5.23
CA VAL D 80 -38.39 8.38 -5.62
C VAL D 80 -37.96 9.79 -5.96
N ILE D 81 -38.80 10.51 -6.71
CA ILE D 81 -38.52 11.90 -7.06
C ILE D 81 -38.34 12.78 -5.84
N ALA D 82 -39.20 12.56 -4.85
CA ALA D 82 -39.21 13.35 -3.63
C ALA D 82 -37.88 13.27 -2.87
N LYS D 83 -37.14 12.16 -3.02
N LYS D 83 -37.15 12.18 -3.05
CA LYS D 83 -35.85 12.05 -2.35
CA LYS D 83 -35.86 12.02 -2.37
C LYS D 83 -34.68 12.32 -3.30
C LYS D 83 -34.67 12.29 -3.31
N LYS D 84 -34.98 12.91 -4.45
CA LYS D 84 -33.99 13.57 -5.30
C LYS D 84 -32.68 12.81 -5.54
N PRO D 85 -32.79 11.66 -6.21
CA PRO D 85 -31.61 10.92 -6.67
C PRO D 85 -30.87 11.74 -7.70
N ASP D 86 -29.62 11.39 -7.96
CA ASP D 86 -28.83 12.09 -8.97
C ASP D 86 -29.29 11.74 -10.38
N ALA D 87 -29.85 10.55 -10.53
CA ALA D 87 -30.42 10.10 -11.81
C ALA D 87 -31.44 9.03 -11.58
N ILE D 88 -32.34 8.88 -12.55
CA ILE D 88 -33.33 7.82 -12.55
C ILE D 88 -33.19 6.93 -13.79
N LEU D 89 -33.09 5.64 -13.54
CA LEU D 89 -33.33 4.59 -14.53
C LEU D 89 -34.73 4.02 -14.27
N ILE D 90 -35.58 3.97 -15.30
CA ILE D 90 -36.93 3.47 -15.11
C ILE D 90 -37.40 2.68 -16.32
N ALA D 91 -38.09 1.58 -16.07
CA ALA D 91 -38.82 0.86 -17.10
C ALA D 91 -40.30 1.29 -17.02
N PRO D 92 -40.68 2.34 -17.78
CA PRO D 92 -42.09 2.77 -17.73
C PRO D 92 -43.07 1.66 -18.13
N THR D 93 -44.15 1.50 -17.38
CA THR D 93 -45.05 0.38 -17.62
C THR D 93 -46.11 0.69 -18.68
N ASP D 94 -46.13 1.92 -19.20
CA ASP D 94 -47.05 2.31 -20.28
C ASP D 94 -46.42 3.48 -21.02
N THR D 95 -46.64 3.56 -22.33
CA THR D 95 -45.90 4.56 -23.12
C THR D 95 -46.46 5.96 -22.96
N THR D 96 -47.73 6.05 -22.57
CA THR D 96 -48.45 7.31 -22.42
C THR D 96 -48.58 7.76 -20.97
N GLN D 97 -49.03 6.84 -20.12
CA GLN D 97 -49.37 7.20 -18.75
C GLN D 97 -48.16 7.60 -17.91
N LEU D 98 -46.97 7.21 -18.35
CA LEU D 98 -45.75 7.57 -17.61
C LEU D 98 -45.09 8.84 -18.10
N VAL D 99 -45.64 9.48 -19.14
CA VAL D 99 -45.03 10.67 -19.69
C VAL D 99 -45.10 11.82 -18.72
N GLN D 100 -46.30 12.18 -18.25
CA GLN D 100 -46.38 13.36 -17.40
C GLN D 100 -45.76 13.12 -16.00
N PRO D 101 -45.90 11.90 -15.46
CA PRO D 101 -45.22 11.66 -14.17
C PRO D 101 -43.71 11.81 -14.29
N LEU D 102 -43.15 11.37 -15.40
CA LEU D 102 -41.71 11.48 -15.60
C LEU D 102 -41.29 12.89 -15.92
N LYS D 103 -42.16 13.66 -16.57
CA LYS D 103 -41.84 15.06 -16.83
C LYS D 103 -41.67 15.82 -15.53
N LYS D 104 -42.39 15.43 -14.48
CA LYS D 104 -42.22 16.05 -13.19
C LYS D 104 -40.80 15.86 -12.67
N ALA D 105 -40.20 14.70 -12.95
CA ALA D 105 -38.82 14.49 -12.57
C ALA D 105 -37.91 15.41 -13.38
N ALA D 106 -38.20 15.55 -14.67
CA ALA D 106 -37.42 16.44 -15.54
C ALA D 106 -37.53 17.87 -15.05
N ASP D 107 -38.73 18.26 -14.64
CA ASP D 107 -38.93 19.62 -14.13
C ASP D 107 -38.17 19.86 -12.81
N ALA D 108 -37.90 18.79 -12.07
CA ALA D 108 -37.13 18.86 -10.83
C ALA D 108 -35.62 18.81 -11.11
N GLY D 109 -35.26 18.79 -12.38
CA GLY D 109 -33.88 18.72 -12.81
C GLY D 109 -33.19 17.37 -12.63
N ILE D 110 -33.97 16.28 -12.63
CA ILE D 110 -33.39 14.95 -12.48
C ILE D 110 -33.23 14.28 -13.83
N PRO D 111 -31.98 13.99 -14.22
CA PRO D 111 -31.78 13.28 -15.50
C PRO D 111 -32.23 11.84 -15.43
N MET D 112 -32.72 11.34 -16.56
CA MET D 112 -33.27 9.99 -16.60
C MET D 112 -32.96 9.28 -17.88
N ILE D 113 -32.98 7.95 -17.76
CA ILE D 113 -32.80 7.03 -18.86
C ILE D 113 -33.92 6.03 -18.74
N THR D 114 -34.58 5.65 -19.84
CA THR D 114 -35.52 4.53 -19.71
C THR D 114 -34.82 3.25 -20.16
N VAL D 115 -35.01 2.24 -19.33
CA VAL D 115 -34.43 0.91 -19.55
C VAL D 115 -35.58 -0.05 -19.88
N ASP D 116 -35.32 -0.97 -20.81
CA ASP D 116 -36.27 -2.00 -21.24
C ASP D 116 -37.41 -1.43 -22.10
N THR D 117 -38.20 -0.54 -21.51
CA THR D 117 -39.38 0.07 -22.14
C THR D 117 -39.15 1.54 -22.37
N PHE D 118 -40.04 2.16 -23.15
CA PHE D 118 -39.94 3.57 -23.43
C PHE D 118 -41.25 4.30 -23.17
N ILE D 119 -41.13 5.62 -23.04
CA ILE D 119 -42.27 6.50 -23.13
C ILE D 119 -42.23 7.20 -24.49
N GLY D 120 -43.37 7.74 -24.93
CA GLY D 120 -43.40 8.39 -26.23
C GLY D 120 -43.21 7.38 -27.36
N THR D 121 -42.24 7.65 -28.22
CA THR D 121 -41.84 6.72 -29.28
C THR D 121 -40.54 6.02 -28.99
N GLY D 122 -39.88 6.41 -27.91
CA GLY D 122 -38.60 5.86 -27.58
C GLY D 122 -37.47 6.58 -28.29
N ASP D 123 -37.83 7.60 -29.06
CA ASP D 123 -36.87 8.47 -29.70
C ASP D 123 -36.70 9.69 -28.82
N TYR D 124 -35.52 9.82 -28.24
CA TYR D 124 -35.27 10.86 -27.27
C TYR D 124 -34.23 11.87 -27.74
N GLN D 125 -34.25 13.05 -27.12
CA GLN D 125 -33.32 14.13 -27.42
C GLN D 125 -33.39 14.55 -28.88
N THR D 126 -34.58 14.45 -29.46
CA THR D 126 -34.78 14.83 -30.87
C THR D 126 -35.09 16.32 -31.01
N GLY D 127 -35.66 16.90 -29.97
CA GLY D 127 -36.08 18.29 -29.98
C GLY D 127 -37.56 18.47 -30.26
N ALA D 128 -38.28 17.36 -30.39
CA ALA D 128 -39.74 17.41 -30.56
C ALA D 128 -40.40 16.20 -29.91
N GLY D 129 -41.70 16.32 -29.65
CA GLY D 129 -42.46 15.23 -29.06
C GLY D 129 -42.71 15.42 -27.58
N ASP D 130 -43.70 14.70 -27.06
CA ASP D 130 -44.18 14.81 -25.68
C ASP D 130 -43.30 14.12 -24.64
N GLY D 131 -42.58 13.09 -25.08
CA GLY D 131 -41.76 12.24 -24.21
C GLY D 131 -40.33 12.15 -24.75
N ASP D 132 -39.76 13.33 -24.98
CA ASP D 132 -38.48 13.49 -25.66
C ASP D 132 -37.36 13.71 -24.64
N PHE D 133 -37.73 13.90 -23.37
CA PHE D 133 -36.77 14.39 -22.39
C PHE D 133 -35.82 13.37 -21.71
N PRO D 134 -36.13 12.06 -21.73
CA PRO D 134 -35.09 11.14 -21.25
C PRO D 134 -33.84 11.26 -22.09
N LEU D 135 -32.69 10.88 -21.54
CA LEU D 135 -31.43 10.98 -22.27
C LEU D 135 -31.14 9.83 -23.23
N SER D 136 -31.69 8.66 -22.91
CA SER D 136 -31.39 7.43 -23.65
C SER D 136 -32.45 6.38 -23.43
N TYR D 137 -32.53 5.46 -24.38
CA TYR D 137 -33.34 4.27 -24.29
C TYR D 137 -32.43 3.05 -24.46
N ILE D 138 -32.32 2.24 -23.43
CA ILE D 138 -31.41 1.08 -23.41
C ILE D 138 -32.23 -0.16 -23.23
N ALA D 139 -32.21 -1.06 -24.22
CA ALA D 139 -33.14 -2.16 -24.27
C ALA D 139 -32.78 -3.13 -25.37
N SER D 140 -33.50 -4.23 -25.41
CA SER D 140 -33.46 -5.13 -26.58
C SER D 140 -34.03 -4.42 -27.80
N ASP D 141 -33.76 -4.97 -28.98
CA ASP D 141 -34.43 -4.56 -30.22
C ASP D 141 -35.74 -5.33 -30.28
N ASN D 142 -36.81 -4.76 -29.74
CA ASN D 142 -37.99 -5.57 -29.50
C ASN D 142 -38.81 -5.91 -30.76
N VAL D 143 -38.76 -5.09 -31.80
CA VAL D 143 -39.36 -5.49 -33.05
C VAL D 143 -38.63 -6.72 -33.59
N LEU D 144 -37.29 -6.65 -33.62
CA LEU D 144 -36.51 -7.78 -34.05
C LEU D 144 -36.82 -9.02 -33.21
N GLY D 145 -37.03 -8.84 -31.91
CA GLY D 145 -37.39 -9.96 -31.03
C GLY D 145 -38.62 -10.68 -31.54
N GLY D 146 -39.61 -9.91 -31.95
CA GLY D 146 -40.83 -10.48 -32.48
C GLY D 146 -40.62 -11.24 -33.79
N GLU D 147 -39.78 -10.66 -34.65
CA GLU D 147 -39.47 -11.29 -35.93
C GLU D 147 -38.76 -12.62 -35.72
N ILE D 148 -37.82 -12.63 -34.79
CA ILE D 148 -37.11 -13.86 -34.43
C ILE D 148 -38.08 -14.90 -33.87
N ALA D 149 -39.00 -14.45 -33.04
CA ALA D 149 -39.95 -15.40 -32.47
C ALA D 149 -40.82 -16.00 -33.57
N ALA D 150 -41.22 -15.20 -34.57
CA ALA D 150 -42.03 -15.69 -35.66
C ALA D 150 -41.27 -16.72 -36.48
N ARG D 151 -40.02 -16.41 -36.81
CA ARG D 151 -39.21 -17.37 -37.56
C ARG D 151 -39.02 -18.67 -36.80
N SER D 152 -38.74 -18.57 -35.51
CA SER D 152 -38.58 -19.75 -34.66
C SER D 152 -39.86 -20.59 -34.59
N LEU D 153 -40.99 -19.92 -34.38
CA LEU D 153 -42.26 -20.65 -34.29
C LEU D 153 -42.62 -21.29 -35.65
N ALA D 154 -42.38 -20.59 -36.76
CA ALA D 154 -42.64 -21.13 -38.09
C ALA D 154 -41.80 -22.38 -38.30
N LEU D 155 -40.55 -22.35 -37.85
CA LEU D 155 -39.68 -23.53 -37.94
C LEU D 155 -40.31 -24.67 -37.15
N ALA D 156 -40.71 -24.34 -35.93
CA ALA D 156 -41.25 -25.35 -35.00
C ALA D 156 -42.49 -26.04 -35.56
N ILE D 157 -43.38 -25.29 -36.23
CA ILE D 157 -44.64 -25.87 -36.70
C ILE D 157 -44.60 -26.34 -38.16
N GLY D 158 -43.42 -26.39 -38.74
CA GLY D 158 -43.28 -26.88 -40.10
C GLY D 158 -43.80 -25.90 -41.13
N ASP D 159 -43.86 -24.62 -40.75
CA ASP D 159 -44.22 -23.52 -41.63
C ASP D 159 -45.67 -23.50 -42.10
N LYS D 160 -46.54 -24.10 -41.29
N LYS D 160 -46.56 -24.10 -41.31
CA LYS D 160 -47.96 -24.22 -41.61
CA LYS D 160 -47.98 -24.07 -41.62
C LYS D 160 -48.77 -24.27 -40.31
C LYS D 160 -48.78 -24.26 -40.34
N GLY D 161 -49.97 -23.70 -40.34
CA GLY D 161 -50.91 -23.86 -39.23
C GLY D 161 -51.31 -22.59 -38.51
N LYS D 162 -52.29 -22.73 -37.63
CA LYS D 162 -52.76 -21.62 -36.81
C LYS D 162 -51.85 -21.34 -35.62
N VAL D 163 -51.65 -20.05 -35.34
CA VAL D 163 -50.86 -19.60 -34.21
C VAL D 163 -51.49 -18.35 -33.63
N TYR D 164 -51.05 -17.93 -32.44
CA TYR D 164 -51.44 -16.61 -31.93
C TYR D 164 -50.38 -16.11 -30.95
N VAL D 165 -50.47 -14.82 -30.68
CA VAL D 165 -49.61 -14.17 -29.71
C VAL D 165 -50.34 -14.12 -28.37
N SER D 166 -49.69 -14.66 -27.35
CA SER D 166 -50.10 -14.46 -25.98
C SER D 166 -49.35 -13.23 -25.45
N ASN D 167 -50.08 -12.20 -25.05
CA ASN D 167 -49.46 -10.91 -24.74
C ASN D 167 -50.06 -10.29 -23.49
N VAL D 168 -49.40 -9.23 -23.04
CA VAL D 168 -49.70 -8.62 -21.76
C VAL D 168 -50.91 -7.67 -21.84
N LYS D 169 -50.69 -6.50 -22.42
CA LYS D 169 -51.70 -5.47 -22.49
C LYS D 169 -51.22 -4.45 -23.51
N PRO D 170 -52.16 -3.86 -24.27
CA PRO D 170 -51.72 -2.81 -25.19
C PRO D 170 -51.11 -1.62 -24.44
N GLY D 171 -50.09 -1.02 -25.03
CA GLY D 171 -49.52 0.20 -24.49
C GLY D 171 -48.19 -0.01 -23.81
N VAL D 172 -47.81 -1.26 -23.64
CA VAL D 172 -46.51 -1.58 -23.09
C VAL D 172 -45.55 -1.60 -24.29
N SER D 173 -44.50 -0.77 -24.28
CA SER D 173 -43.73 -0.55 -25.51
C SER D 173 -43.09 -1.83 -26.05
N THR D 174 -42.52 -2.61 -25.15
CA THR D 174 -41.78 -3.81 -25.52
C THR D 174 -42.66 -4.87 -26.16
N THR D 175 -43.74 -5.22 -25.47
CA THR D 175 -44.59 -6.28 -25.93
C THR D 175 -45.45 -5.82 -27.12
N ASP D 176 -45.75 -4.53 -27.20
CA ASP D 176 -46.37 -4.00 -28.43
C ASP D 176 -45.44 -4.26 -29.62
N GLN D 177 -44.17 -3.94 -29.46
CA GLN D 177 -43.23 -4.08 -30.57
C GLN D 177 -43.01 -5.54 -30.89
N ARG D 178 -42.99 -6.42 -29.89
CA ARG D 178 -42.74 -7.83 -30.18
C ARG D 178 -43.94 -8.38 -30.98
N GLU D 179 -45.14 -8.00 -30.60
CA GLU D 179 -46.31 -8.45 -31.33
C GLU D 179 -46.27 -7.92 -32.79
N GLN D 180 -45.89 -6.66 -32.94
CA GLN D 180 -45.79 -6.03 -34.26
C GLN D 180 -44.78 -6.77 -35.16
N GLY D 181 -43.61 -7.07 -34.59
CA GLY D 181 -42.57 -7.76 -35.35
C GLY D 181 -42.99 -9.17 -35.71
N PHE D 182 -43.65 -9.83 -34.78
CA PHE D 182 -44.13 -11.19 -35.01
C PHE D 182 -45.12 -11.21 -36.17
N LYS D 183 -46.04 -10.26 -36.19
CA LYS D 183 -47.09 -10.25 -37.19
C LYS D 183 -46.55 -9.86 -38.57
N SER D 184 -45.60 -8.94 -38.59
CA SER D 184 -45.04 -8.50 -39.86
C SER D 184 -44.24 -9.66 -40.47
N GLU D 185 -43.56 -10.41 -39.62
CA GLU D 185 -42.76 -11.52 -40.11
C GLU D 185 -43.66 -12.67 -40.56
N MET D 186 -44.73 -12.94 -39.81
CA MET D 186 -45.60 -14.05 -40.18
C MET D 186 -46.34 -13.76 -41.50
N ALA D 187 -46.45 -12.49 -41.87
CA ALA D 187 -47.03 -12.12 -43.17
C ALA D 187 -46.24 -12.72 -44.32
N LYS D 188 -45.00 -13.14 -44.05
CA LYS D 188 -44.15 -13.75 -45.06
C LYS D 188 -44.34 -15.27 -45.16
N HIS D 189 -45.20 -15.83 -44.31
CA HIS D 189 -45.42 -17.28 -44.24
C HIS D 189 -46.88 -17.60 -44.52
N PRO D 190 -47.23 -17.73 -45.80
CA PRO D 190 -48.65 -17.79 -46.19
C PRO D 190 -49.40 -19.04 -45.71
N GLY D 191 -48.67 -20.08 -45.31
CA GLY D 191 -49.28 -21.27 -44.76
C GLY D 191 -49.72 -21.11 -43.31
N ILE D 192 -49.28 -20.03 -42.67
CA ILE D 192 -49.55 -19.78 -41.26
C ILE D 192 -50.69 -18.76 -41.11
N THR D 193 -51.59 -19.05 -40.19
CA THR D 193 -52.70 -18.16 -39.90
C THR D 193 -52.50 -17.59 -38.51
N VAL D 194 -52.52 -16.27 -38.38
CA VAL D 194 -52.35 -15.67 -37.07
C VAL D 194 -53.74 -15.31 -36.53
N LEU D 195 -54.14 -15.96 -35.44
CA LEU D 195 -55.40 -15.68 -34.80
C LEU D 195 -55.28 -14.48 -33.88
N GLU D 196 -56.40 -14.06 -33.29
CA GLU D 196 -56.42 -12.85 -32.47
C GLU D 196 -55.51 -12.97 -31.27
N THR D 197 -54.75 -11.91 -31.00
CA THR D 197 -53.93 -11.86 -29.81
C THR D 197 -54.77 -12.00 -28.54
N GLN D 198 -54.24 -12.74 -27.57
CA GLN D 198 -54.90 -12.89 -26.27
C GLN D 198 -54.13 -12.15 -25.22
N PHE D 199 -54.78 -11.19 -24.57
CA PHE D 199 -54.12 -10.39 -23.54
C PHE D 199 -54.41 -10.90 -22.12
N ASN D 200 -53.33 -11.12 -21.36
CA ASN D 200 -53.44 -11.76 -20.05
C ASN D 200 -53.16 -10.86 -18.85
N ASP D 201 -52.89 -9.58 -19.10
CA ASP D 201 -52.63 -8.62 -18.02
C ASP D 201 -51.43 -9.00 -17.17
N ASN D 202 -50.52 -9.77 -17.78
CA ASN D 202 -49.28 -10.26 -17.15
C ASN D 202 -49.48 -11.43 -16.19
N ASP D 203 -50.64 -12.06 -16.25
CA ASP D 203 -51.03 -13.12 -15.33
C ASP D 203 -50.89 -14.47 -16.06
N ALA D 204 -49.90 -15.26 -15.65
CA ALA D 204 -49.66 -16.57 -16.26
C ALA D 204 -50.87 -17.48 -16.18
N ASN D 205 -51.61 -17.42 -15.08
CA ASN D 205 -52.80 -18.24 -14.95
C ASN D 205 -53.81 -17.90 -16.03
N LYS D 206 -53.99 -16.60 -16.30
CA LYS D 206 -54.90 -16.19 -17.36
C LYS D 206 -54.40 -16.68 -18.71
N ALA D 207 -53.09 -16.60 -18.95
CA ALA D 207 -52.53 -17.03 -20.23
C ALA D 207 -52.79 -18.53 -20.42
N ALA D 208 -52.69 -19.29 -19.35
CA ALA D 208 -52.96 -20.74 -19.42
C ALA D 208 -54.41 -21.01 -19.82
N SER D 209 -55.35 -20.32 -19.16
CA SER D 209 -56.76 -20.46 -19.46
C SER D 209 -57.05 -20.06 -20.91
N GLN D 210 -56.42 -18.99 -21.36
CA GLN D 210 -56.63 -18.47 -22.72
C GLN D 210 -56.12 -19.45 -23.77
N LEU D 211 -54.98 -20.09 -23.51
CA LEU D 211 -54.50 -21.10 -24.44
C LEU D 211 -55.56 -22.17 -24.59
N GLN D 212 -56.10 -22.64 -23.48
CA GLN D 212 -57.05 -23.73 -23.57
C GLN D 212 -58.34 -23.23 -24.24
N ALA D 213 -58.70 -21.97 -24.04
CA ALA D 213 -59.88 -21.41 -24.73
C ALA D 213 -59.66 -21.40 -26.27
N VAL D 214 -58.50 -20.93 -26.70
CA VAL D 214 -58.18 -20.88 -28.13
C VAL D 214 -58.17 -22.28 -28.72
N TYR D 215 -57.53 -23.19 -28.01
CA TYR D 215 -57.42 -24.58 -28.46
C TYR D 215 -58.79 -25.23 -28.53
N ALA D 216 -59.68 -24.87 -27.59
CA ALA D 216 -61.03 -25.45 -27.60
C ALA D 216 -61.77 -25.00 -28.84
N ARG D 217 -61.59 -23.73 -29.19
CA ARG D 217 -62.21 -23.14 -30.37
C ARG D 217 -61.50 -23.56 -31.66
N ASN D 218 -60.22 -23.91 -31.53
CA ASN D 218 -59.39 -24.28 -32.67
C ASN D 218 -58.60 -25.54 -32.40
N PRO D 219 -59.23 -26.71 -32.57
CA PRO D 219 -58.57 -27.99 -32.27
C PRO D 219 -57.33 -28.25 -33.09
N ASP D 220 -57.18 -27.51 -34.19
CA ASP D 220 -56.01 -27.67 -35.05
C ASP D 220 -54.91 -26.63 -34.73
N LEU D 221 -54.99 -26.00 -33.57
CA LEU D 221 -53.99 -25.01 -33.18
C LEU D 221 -52.58 -25.61 -33.22
N ALA D 222 -51.67 -24.90 -33.88
CA ALA D 222 -50.30 -25.38 -34.07
C ALA D 222 -49.28 -24.82 -33.10
N GLY D 223 -49.42 -23.55 -32.71
CA GLY D 223 -48.43 -22.96 -31.83
C GLY D 223 -48.83 -21.64 -31.23
N VAL D 224 -48.02 -21.18 -30.31
CA VAL D 224 -48.27 -19.95 -29.57
C VAL D 224 -46.94 -19.26 -29.29
N PHE D 225 -46.92 -17.95 -29.45
CA PHE D 225 -45.80 -17.13 -29.05
C PHE D 225 -46.19 -16.34 -27.81
N GLY D 226 -45.49 -16.56 -26.70
CA GLY D 226 -45.71 -15.78 -25.49
C GLY D 226 -44.74 -14.63 -25.52
N ALA D 227 -45.26 -13.41 -25.55
CA ALA D 227 -44.45 -12.26 -25.87
C ALA D 227 -43.65 -11.72 -24.66
N ASN D 228 -43.81 -12.32 -23.48
CA ASN D 228 -42.93 -11.99 -22.35
C ASN D 228 -42.93 -13.19 -21.40
N LEU D 229 -42.10 -13.10 -20.38
CA LEU D 229 -41.88 -14.18 -19.44
C LEU D 229 -43.19 -14.83 -19.02
N PHE D 230 -44.10 -14.02 -18.49
CA PHE D 230 -45.33 -14.54 -17.90
C PHE D 230 -46.29 -15.09 -18.96
N SER D 231 -46.29 -14.46 -20.15
CA SER D 231 -47.13 -14.94 -21.23
C SER D 231 -46.65 -16.30 -21.73
N GLY D 232 -45.34 -16.43 -21.87
CA GLY D 232 -44.76 -17.69 -22.31
C GLY D 232 -44.89 -18.77 -21.26
N LEU D 233 -44.70 -18.43 -20.00
CA LEU D 233 -44.79 -19.43 -18.93
C LEU D 233 -46.23 -19.96 -18.83
N GLY D 234 -47.18 -19.03 -18.86
CA GLY D 234 -48.57 -19.36 -18.71
C GLY D 234 -49.10 -20.13 -19.90
N SER D 235 -48.69 -19.71 -21.10
CA SER D 235 -49.09 -20.40 -22.31
C SER D 235 -48.55 -21.85 -22.31
N ALA D 236 -47.29 -22.00 -21.92
CA ALA D 236 -46.70 -23.34 -21.78
C ALA D 236 -47.47 -24.16 -20.78
N ASN D 237 -47.80 -23.57 -19.64
CA ASN D 237 -48.52 -24.32 -18.62
C ASN D 237 -49.90 -24.73 -19.14
N GLY D 238 -50.55 -23.85 -19.91
CA GLY D 238 -51.81 -24.17 -20.56
C GLY D 238 -51.71 -25.36 -21.50
N VAL D 239 -50.65 -25.41 -22.30
CA VAL D 239 -50.41 -26.51 -23.22
C VAL D 239 -50.24 -27.81 -22.44
N GLN D 240 -49.48 -27.75 -21.35
CA GLN D 240 -49.29 -28.89 -20.47
C GLN D 240 -50.64 -29.33 -19.88
N GLN D 241 -51.43 -28.38 -19.42
CA GLN D 241 -52.73 -28.66 -18.81
C GLN D 241 -53.70 -29.28 -19.81
N ALA D 242 -53.53 -28.93 -21.08
CA ALA D 242 -54.37 -29.46 -22.13
C ALA D 242 -53.90 -30.83 -22.57
N GLY D 243 -52.76 -31.28 -22.05
CA GLY D 243 -52.21 -32.58 -22.44
C GLY D 243 -51.48 -32.56 -23.79
N GLN D 244 -51.06 -31.39 -24.24
CA GLN D 244 -50.52 -31.24 -25.60
C GLN D 244 -49.03 -30.87 -25.66
N SER D 245 -48.27 -31.19 -24.64
CA SER D 245 -46.86 -30.88 -24.64
C SER D 245 -46.16 -31.51 -25.85
N GLY D 246 -45.42 -30.70 -26.60
CA GLY D 246 -44.76 -31.15 -27.81
C GLY D 246 -45.62 -31.19 -29.05
N THR D 247 -46.92 -31.04 -28.90
CA THR D 247 -47.83 -31.01 -30.05
C THR D 247 -48.16 -29.57 -30.42
N ILE D 248 -48.68 -28.80 -29.48
CA ILE D 248 -48.83 -27.36 -29.66
C ILE D 248 -47.48 -26.73 -29.31
N LYS D 249 -46.78 -26.16 -30.30
CA LYS D 249 -45.43 -25.66 -30.08
C LYS D 249 -45.46 -24.31 -29.40
N VAL D 250 -44.46 -24.07 -28.57
CA VAL D 250 -44.39 -22.82 -27.82
C VAL D 250 -43.06 -22.14 -28.06
N VAL D 251 -43.13 -20.85 -28.39
CA VAL D 251 -41.95 -20.02 -28.39
C VAL D 251 -42.21 -19.00 -27.31
N ALA D 252 -41.28 -18.92 -26.38
CA ALA D 252 -41.45 -18.08 -25.20
C ALA D 252 -40.40 -17.00 -25.16
N PHE D 253 -40.82 -15.75 -24.97
CA PHE D 253 -39.86 -14.67 -24.68
C PHE D 253 -39.37 -14.79 -23.25
N ASP D 254 -38.12 -14.40 -23.06
CA ASP D 254 -37.41 -14.41 -21.79
C ASP D 254 -36.97 -15.82 -21.36
N ALA D 255 -36.08 -15.85 -20.36
CA ALA D 255 -35.39 -17.10 -19.96
C ALA D 255 -35.27 -17.26 -18.46
N PRO D 256 -36.41 -17.41 -17.79
CA PRO D 256 -36.39 -17.73 -16.36
C PRO D 256 -35.80 -19.13 -16.18
N GLY D 257 -35.39 -19.48 -14.96
CA GLY D 257 -34.81 -20.78 -14.67
C GLY D 257 -35.61 -21.95 -15.20
N SER D 258 -36.93 -21.78 -15.27
CA SER D 258 -37.82 -22.85 -15.68
C SER D 258 -37.65 -23.28 -17.14
N VAL D 259 -36.98 -22.46 -17.96
CA VAL D 259 -36.83 -22.83 -19.36
C VAL D 259 -35.95 -24.06 -19.52
N VAL D 260 -35.07 -24.32 -18.57
CA VAL D 260 -34.19 -25.47 -18.66
C VAL D 260 -35.03 -26.75 -18.73
N ASP D 261 -35.88 -26.96 -17.73
CA ASP D 261 -36.76 -28.13 -17.72
C ASP D 261 -37.78 -28.07 -18.85
N ASN D 262 -38.30 -26.89 -19.15
CA ASN D 262 -39.36 -26.85 -20.17
C ASN D 262 -38.81 -27.11 -21.57
N LEU D 263 -37.58 -26.69 -21.84
CA LEU D 263 -36.97 -27.03 -23.11
C LEU D 263 -36.62 -28.51 -23.18
N LYS D 264 -36.09 -29.06 -22.08
CA LYS D 264 -35.69 -30.48 -22.07
C LYS D 264 -36.88 -31.42 -22.24
N SER D 265 -38.03 -31.02 -21.71
CA SER D 265 -39.23 -31.87 -21.79
C SER D 265 -39.97 -31.71 -23.11
N GLY D 266 -39.65 -30.69 -23.90
CA GLY D 266 -40.34 -30.43 -25.15
C GLY D 266 -41.57 -29.54 -25.02
N LEU D 267 -41.86 -29.07 -23.82
CA LEU D 267 -43.01 -28.17 -23.62
C LEU D 267 -42.82 -26.87 -24.36
N ILE D 268 -41.58 -26.37 -24.36
CA ILE D 268 -41.21 -25.18 -25.13
C ILE D 268 -40.15 -25.55 -26.14
N ASP D 269 -40.21 -24.94 -27.31
CA ASP D 269 -39.23 -25.21 -28.36
C ASP D 269 -38.10 -24.19 -28.40
N PHE D 270 -38.41 -22.92 -28.13
CA PHE D 270 -37.41 -21.86 -28.12
C PHE D 270 -37.73 -20.89 -27.00
N ALA D 271 -36.71 -20.44 -26.30
CA ALA D 271 -36.79 -19.30 -25.40
C ALA D 271 -35.91 -18.20 -25.94
N ILE D 272 -36.44 -16.99 -26.05
CA ILE D 272 -35.67 -15.85 -26.54
C ILE D 272 -35.20 -15.05 -25.34
N ALA D 273 -33.97 -15.27 -24.90
CA ALA D 273 -33.43 -14.54 -23.75
C ALA D 273 -33.02 -13.15 -24.16
N GLN D 274 -33.49 -12.17 -23.38
CA GLN D 274 -32.90 -10.87 -23.41
C GLN D 274 -31.61 -10.89 -22.57
N HIS D 275 -30.93 -9.74 -22.51
CA HIS D 275 -29.72 -9.55 -21.69
C HIS D 275 -29.99 -8.49 -20.62
N PRO D 276 -30.83 -8.80 -19.63
CA PRO D 276 -31.17 -7.75 -18.64
C PRO D 276 -29.97 -7.25 -17.87
N ALA D 277 -28.98 -8.09 -17.57
CA ALA D 277 -27.83 -7.59 -16.82
C ALA D 277 -27.12 -6.51 -17.65
N GLU D 278 -27.08 -6.72 -18.95
CA GLU D 278 -26.43 -5.79 -19.87
C GLU D 278 -27.19 -4.45 -19.91
N ILE D 279 -28.52 -4.53 -19.89
CA ILE D 279 -29.34 -3.33 -19.82
C ILE D 279 -29.07 -2.54 -18.56
N GLY D 280 -29.12 -3.21 -17.40
CA GLY D 280 -28.85 -2.53 -16.14
C GLY D 280 -27.44 -1.96 -16.08
N TYR D 281 -26.48 -2.74 -16.56
CA TYR D 281 -25.08 -2.34 -16.55
C TYR D 281 -24.86 -1.06 -17.36
N TYR D 282 -25.28 -1.08 -18.61
CA TYR D 282 -25.14 0.10 -19.46
C TYR D 282 -26.01 1.28 -19.01
N GLY D 283 -27.15 1.02 -18.37
CA GLY D 283 -27.92 2.10 -17.80
C GLY D 283 -27.15 2.87 -16.73
N VAL D 284 -26.52 2.14 -15.80
CA VAL D 284 -25.74 2.77 -14.75
C VAL D 284 -24.51 3.47 -15.33
N ILE D 285 -23.78 2.82 -16.22
CA ILE D 285 -22.61 3.46 -16.82
C ILE D 285 -23.02 4.76 -17.52
N SER D 286 -24.14 4.70 -18.23
CA SER D 286 -24.60 5.85 -19.00
C SER D 286 -25.03 6.98 -18.07
N ALA D 287 -25.73 6.64 -16.99
CA ALA D 287 -26.09 7.67 -16.00
C ALA D 287 -24.83 8.27 -15.39
N TYR D 288 -23.85 7.44 -15.05
CA TYR D 288 -22.59 7.94 -14.49
C TYR D 288 -21.87 8.86 -15.48
N ALA D 289 -21.82 8.42 -16.72
CA ALA D 289 -21.17 9.22 -17.77
C ALA D 289 -21.84 10.60 -17.85
N HIS D 290 -23.17 10.62 -17.92
CA HIS D 290 -23.86 11.90 -17.98
C HIS D 290 -23.55 12.81 -16.77
N LEU D 291 -23.51 12.20 -15.57
CA LEU D 291 -23.32 12.97 -14.35
C LEU D 291 -21.89 13.49 -14.22
N THR D 292 -21.00 12.97 -15.06
CA THR D 292 -19.60 13.40 -15.05
C THR D 292 -19.25 14.12 -16.36
N GLY D 293 -20.26 14.61 -17.06
CA GLY D 293 -20.09 15.55 -18.16
C GLY D 293 -19.95 14.98 -19.56
N GLN D 294 -20.12 13.67 -19.68
CA GLN D 294 -19.96 12.96 -20.92
C GLN D 294 -21.31 12.81 -21.64
N SER D 295 -21.28 13.03 -22.94
CA SER D 295 -22.47 12.80 -23.76
C SER D 295 -22.67 11.30 -23.92
N ILE D 296 -23.93 10.86 -24.05
CA ILE D 296 -24.25 9.45 -24.15
C ILE D 296 -25.18 9.17 -25.34
N PRO D 297 -25.14 7.95 -25.87
CA PRO D 297 -26.01 7.66 -27.01
C PRO D 297 -27.47 7.71 -26.60
N THR D 298 -28.35 8.08 -27.53
CA THR D 298 -29.78 8.14 -27.22
C THR D 298 -30.43 6.78 -27.26
N LYS D 299 -29.71 5.79 -27.81
CA LYS D 299 -30.16 4.40 -27.82
C LYS D 299 -28.98 3.47 -27.67
N ILE D 300 -29.14 2.43 -26.87
CA ILE D 300 -28.23 1.31 -26.86
C ILE D 300 -29.06 0.05 -26.96
N GLY D 301 -28.76 -0.78 -27.96
CA GLY D 301 -29.50 -2.01 -28.20
C GLY D 301 -28.74 -3.23 -27.70
N THR D 302 -29.31 -3.94 -26.73
CA THR D 302 -28.67 -5.10 -26.16
C THR D 302 -29.17 -6.34 -26.89
N GLY D 303 -28.36 -7.38 -26.89
CA GLY D 303 -28.62 -8.53 -27.75
C GLY D 303 -29.62 -9.55 -27.27
N PHE D 304 -29.88 -10.54 -28.12
CA PHE D 304 -30.62 -11.72 -27.73
C PHE D 304 -29.73 -12.95 -27.70
N THR D 305 -30.17 -13.93 -26.93
CA THR D 305 -29.63 -15.28 -27.00
C THR D 305 -30.80 -16.23 -27.20
N VAL D 306 -30.81 -16.94 -28.33
CA VAL D 306 -31.88 -17.88 -28.62
C VAL D 306 -31.55 -19.24 -28.01
N ILE D 307 -32.38 -19.70 -27.07
CA ILE D 307 -32.11 -20.93 -26.34
C ILE D 307 -33.07 -22.04 -26.79
N ASN D 308 -32.49 -23.21 -27.06
CA ASN D 308 -33.28 -24.37 -27.43
C ASN D 308 -32.80 -25.61 -26.66
N LYS D 309 -33.44 -26.73 -26.92
CA LYS D 309 -33.16 -27.96 -26.18
C LYS D 309 -31.71 -28.35 -26.35
N SER D 310 -31.19 -28.09 -27.54
CA SER D 310 -29.86 -28.54 -27.94
C SER D 310 -28.72 -27.71 -27.37
N ASN D 311 -28.97 -26.44 -27.06
CA ASN D 311 -27.89 -25.56 -26.60
C ASN D 311 -28.07 -25.01 -25.18
N VAL D 312 -29.13 -25.41 -24.48
CA VAL D 312 -29.38 -24.85 -23.14
C VAL D 312 -28.27 -25.24 -22.15
N THR D 313 -27.56 -26.34 -22.40
CA THR D 313 -26.43 -26.73 -21.55
C THR D 313 -25.06 -26.14 -21.98
N ASP D 314 -25.00 -25.51 -23.15
CA ASP D 314 -23.78 -24.82 -23.58
C ASP D 314 -23.52 -23.63 -22.63
N PRO D 315 -22.37 -23.61 -21.93
CA PRO D 315 -22.14 -22.54 -20.96
C PRO D 315 -22.31 -21.14 -21.54
N ALA D 316 -21.93 -20.98 -22.81
CA ALA D 316 -22.01 -19.67 -23.43
C ALA D 316 -23.45 -19.21 -23.63
N VAL D 317 -24.38 -20.16 -23.60
CA VAL D 317 -25.80 -19.88 -23.69
C VAL D 317 -26.44 -19.86 -22.30
N ALA D 318 -26.11 -20.85 -21.49
CA ALA D 318 -26.71 -21.00 -20.16
C ALA D 318 -26.44 -19.77 -19.27
N ARG D 319 -25.33 -19.07 -19.53
N ARG D 319 -25.35 -19.05 -19.52
CA ARG D 319 -24.96 -17.88 -18.76
CA ARG D 319 -25.02 -17.90 -18.68
C ARG D 319 -26.03 -16.78 -18.85
C ARG D 319 -26.03 -16.76 -18.85
N PHE D 320 -26.90 -16.87 -19.85
CA PHE D 320 -27.94 -15.86 -20.06
C PHE D 320 -29.30 -16.20 -19.46
N ILE D 321 -29.44 -17.40 -18.92
CA ILE D 321 -30.60 -17.74 -18.11
C ILE D 321 -30.72 -16.76 -16.96
N TYR D 322 -31.92 -16.23 -16.74
CA TYR D 322 -32.09 -15.21 -15.72
C TYR D 322 -31.91 -15.72 -14.29
N ALA D 323 -31.59 -14.81 -13.40
CA ALA D 323 -31.47 -15.13 -11.99
C ALA D 323 -32.73 -15.82 -11.44
N GLU D 324 -32.53 -16.79 -10.55
CA GLU D 324 -33.63 -17.60 -10.02
C GLU D 324 -33.87 -17.34 -8.54
O3 T6T E . -8.20 -13.28 4.36
C3 T6T E . -7.78 -12.59 5.52
C4 T6T E . -7.69 -11.16 5.22
O4 T6T E . -6.67 -10.95 4.18
C5 T6T E . -8.99 -10.63 4.80
O5 T6T E . -8.95 -9.21 4.61
C6 T6T E . -10.06 -10.85 5.86
O6 T6T E . -10.12 -12.27 6.19
C2 T6T E . -8.83 -12.78 6.64
O2 T6T E . -8.37 -12.09 7.77
C1 T6T E . -9.15 -14.18 6.96
O1 T6T E . -8.04 -14.89 7.41
HO3 T6T E . -7.62 -13.13 3.71
H3 T6T E . -6.91 -12.92 5.82
H4 T6T E . -7.41 -10.68 6.03
HO4 T6T E . -6.28 -10.16 4.30
H5 T6T E . -9.26 -11.07 3.97
HO5 T6T E . -9.77 -8.88 4.66
H61 T6T E . -10.92 -10.57 5.51
H62 T6T E . -9.83 -10.34 6.66
HO2 T6T E . -8.18 -12.68 8.41
H11 T6T E . -9.50 -14.63 6.17
H12 T6T E . -9.83 -14.20 7.66
HO1 T6T E . -7.84 -14.64 8.23
O3 T6T F . 27.87 15.14 27.83
C3 T6T F . 28.78 14.62 28.81
C4 T6T F . 28.57 13.15 28.91
O4 T6T F . 27.17 12.88 29.29
C5 T6T F . 28.87 12.51 27.64
O5 T6T F . 28.75 11.07 27.64
C6 T6T F . 30.31 12.80 27.18
O6 T6T F . 30.52 14.25 27.14
C2 T6T F . 30.21 14.91 28.40
O2 T6T F . 31.05 14.42 29.42
C1 T6T F . 30.49 16.36 28.16
O1 T6T F . 30.42 17.09 29.36
HO3 T6T F . 27.24 15.61 28.23
H3 T6T F . 28.60 15.04 29.67
H4 T6T F . 29.16 12.79 29.60
HO4 T6T F . 27.05 12.00 29.35
H5 T6T F . 28.26 12.87 26.96
HO5 T6T F . 28.68 10.78 26.80
H61 T6T F . 30.46 12.42 26.29
H62 T6T F . 30.95 12.40 27.81
HO2 T6T F . 31.16 15.04 30.04
H11 T6T F . 29.85 16.71 27.52
H12 T6T F . 31.39 16.45 27.79
HO1 T6T F . 31.21 17.09 29.76
O3 T6T G . 19.89 7.37 -12.04
C3 T6T G . 20.73 6.78 -11.05
C4 T6T G . 20.45 5.33 -11.01
O4 T6T G . 19.04 5.04 -10.76
C5 T6T G . 20.78 4.74 -12.34
O5 T6T G . 20.58 3.32 -12.39
C6 T6T G . 22.24 4.96 -12.69
O6 T6T G . 22.53 6.39 -12.67
C2 T6T G . 22.20 7.00 -11.39
O2 T6T G . 23.00 6.36 -10.40
C1 T6T G . 22.63 8.42 -11.51
O1 T6T G . 22.48 9.12 -10.29
HO3 T6T G . 19.86 8.26 -11.91
H3 T6T G . 20.53 7.17 -10.18
H4 T6T G . 21.00 4.92 -10.33
HO4 T6T G . 18.95 4.72 -9.93
H5 T6T G . 20.22 5.17 -13.02
HO5 T6T G . 21.00 2.99 -13.09
H61 T6T G . 22.42 4.60 -13.57
H62 T6T G . 22.80 4.51 -12.03
HO2 T6T G . 23.15 6.92 -9.74
H11 T6T G . 22.10 8.85 -12.19
H12 T6T G . 23.57 8.45 -11.77
HO1 T6T G . 23.09 8.85 -9.71
O3 T6T H . -40.25 -9.20 -21.01
C3 T6T H . -39.75 -8.47 -19.88
C4 T6T H . -39.71 -7.03 -20.20
O4 T6T H . -38.80 -6.85 -21.34
C5 T6T H . -41.04 -6.53 -20.54
O5 T6T H . -41.04 -5.10 -20.80
C6 T6T H . -42.03 -6.80 -19.41
O6 T6T H . -42.02 -8.22 -19.03
C2 T6T H . -40.70 -8.70 -18.69
O2 T6T H . -40.19 -7.96 -17.60
C1 T6T H . -40.89 -10.14 -18.34
O1 T6T H . -39.74 -10.75 -17.82
HO3 T6T H . -39.58 -9.65 -21.38
H3 T6T H . -38.86 -8.79 -19.65
H4 T6T H . -39.37 -6.53 -19.42
HO4 T6T H . -37.96 -6.79 -21.05
H5 T6T H . -41.35 -7.00 -21.35
HO5 T6T H . -41.80 -4.75 -20.51
H61 T6T H . -42.93 -6.55 -19.70
H62 T6T H . -41.79 -6.26 -18.63
HO2 T6T H . -40.66 -8.16 -16.87
H11 T6T H . -41.17 -10.63 -19.13
H12 T6T H . -41.59 -10.21 -17.67
HO1 T6T H . -39.91 -11.07 -17.01
#